data_5O5T
#
_entry.id   5O5T
#
_cell.length_a   101.657
_cell.length_b   130.159
_cell.length_c   159.160
_cell.angle_alpha   90.00
_cell.angle_beta   90.00
_cell.angle_gamma   90.00
#
_symmetry.space_group_name_H-M   'I 2 2 2'
#
loop_
_entity.id
_entity.type
_entity.pdbx_description
1 polymer 'Glutamate carboxypeptidase 2'
2 branched 2-acetamido-2-deoxy-beta-D-glucopyranose-(1-4)-2-acetamido-2-deoxy-beta-D-glucopyranose
3 branched beta-D-mannopyranose-(1-4)-2-acetamido-2-deoxy-beta-D-glucopyranose-(1-4)-2-acetamido-2-deoxy-beta-D-glucopyranose
4 branched alpha-D-mannopyranose-(1-3)-[alpha-D-mannopyranose-(1-6)]beta-D-mannopyranose-(1-4)-2-acetamido-2-deoxy-beta-D-glucopyranose-(1-4)-2-acetamido-2-deoxy-beta-D-glucopyranose
5 non-polymer 2-acetamido-2-deoxy-beta-D-glucopyranose
6 non-polymer 'ZINC ION'
7 non-polymer 'CALCIUM ION'
8 non-polymer 'CHLORIDE ION'
9 non-polymer '(2~{S})-2-[[(2~{S})-6-[[(2~{S})-2-[[4-[[[(2~{S})-2-[[(2~{S})-2-[(6-fluoranylpyridin-3-yl)carbonylamino]-5-oxidanyl-5-oxidanylidene-pentanoyl]amino]-5-oxidanyl-5-oxidanylidene-pentanoyl]amino]methyl]phenyl]carbonylamino]-3-naphthalen-2-yl-propanoyl]amino]-1-oxidanyl-1-oxidanylidene-hexan-2-yl]carbamoylamino]pentanedioic acid'
10 water water
#
_entity_poly.entity_id   1
_entity_poly.type   'polypeptide(L)'
_entity_poly.pdbx_seq_one_letter_code
;KSSNEATNITPKHNMKAFLDELKAENIKKFLYNFTQIPHLAGTEQNFQLAKQIQSQWKEFGLDSVELAHYDVLLSYPNKT
HPNYISIINEDGNEIFNTSLFEPPPPGYENVSDIVPPFSAFSPQGMPEGDLVYVNYARTEDFFKLERDMKINCSGKIVIA
RYGKVFRGNKVKNAQLAGAKGVILYSDPADYFAPGVKSYPDGWNLPGGGVQRGNILNLNGAGDPLTPGYPANEYAYRRGI
AEAVGLPSIPVHPIGYYDAQKLLEKMGGSAPPDSSWRGSLKVPYNVGPGFTGNFSTQKVKMHIHSTNEVTRIYNVIGTLR
GAVEPDRYVILGGHRDSWVFGGIDPQSGAAVVHEIVRSFGTLKKEGWRPRRTILFASWDAEEFGLLGSTEWAEENSRLLQ
ERGVAYINADSSIEGNYTLRVDCTPLMYSLVHNLTKELKSPDEGFEGKSLYESWTKKSPSPEFSGMPRISKLGSGNDFEV
FFQRLGIASGRARYTKNWETNKFSGYPLYHSVYETYELVEKFYDPMFKYHLTVAQVRGGMVFELANSIVLPFDCRDYAVV
LRKYADKIYSISMKHPQEMKTYSVSFDSLFSAVKNFTEIASKFSERLQDFDKSNPIVLRMMNDQLMFLERAFIDPLGLPD
RPFYRHVIYAPSSHNKYAGESFPGIYDALFDIESKVDPSKAWGEVKRQIYVAAFTVQAAAETLSEVA
;
_entity_poly.pdbx_strand_id   A
#
# COMPACT_ATOMS: atom_id res chain seq x y z
N LYS A 12 19.27 30.48 12.03
CA LYS A 12 18.36 30.68 10.86
C LYS A 12 17.21 29.65 10.85
N HIS A 13 16.12 29.99 10.15
CA HIS A 13 15.03 29.04 9.90
C HIS A 13 15.14 28.48 8.51
N ASN A 14 15.82 27.34 8.42
CA ASN A 14 16.04 26.65 7.16
C ASN A 14 15.79 25.15 7.38
N MET A 15 16.14 24.32 6.39
CA MET A 15 15.87 22.87 6.55
C MET A 15 16.70 22.29 7.69
N LYS A 16 17.95 22.75 7.83
CA LYS A 16 18.81 22.28 8.90
C LYS A 16 18.17 22.48 10.27
N ALA A 17 17.53 23.65 10.51
CA ALA A 17 16.91 23.92 11.82
C ALA A 17 15.79 22.92 12.07
N PHE A 18 14.94 22.75 11.07
CA PHE A 18 13.87 21.72 11.10
C PHE A 18 14.42 20.30 11.44
N LEU A 19 15.45 19.86 10.69
CA LEU A 19 16.01 18.49 10.87
C LEU A 19 16.66 18.29 12.21
N ASP A 20 17.34 19.30 12.71
CA ASP A 20 18.05 19.23 14.00
C ASP A 20 17.11 19.14 15.19
N GLU A 21 15.87 19.62 15.02
CA GLU A 21 14.92 19.66 16.10
C GLU A 21 14.30 18.27 16.31
N LEU A 22 14.27 17.44 15.26
CA LEU A 22 13.79 16.04 15.37
C LEU A 22 14.63 15.21 16.34
N LYS A 23 13.99 14.49 17.29
CA LYS A 23 14.72 13.74 18.32
C LYS A 23 14.25 12.28 18.37
N ALA A 24 15.20 11.36 18.36
CA ALA A 24 14.91 9.90 18.44
C ALA A 24 14.15 9.58 19.70
N GLU A 25 14.54 10.22 20.81
CA GLU A 25 13.92 10.00 22.12
C GLU A 25 12.44 10.40 22.09
N ASN A 26 12.08 11.43 21.33
CA ASN A 26 10.68 11.83 21.25
C ASN A 26 9.87 10.81 20.49
N ILE A 27 10.43 10.33 19.39
CA ILE A 27 9.72 9.28 18.56
C ILE A 27 9.48 8.05 19.43
N LYS A 28 10.50 7.67 20.20
CA LYS A 28 10.40 6.54 21.14
C LYS A 28 9.27 6.76 22.15
N LYS A 29 9.22 7.94 22.79
CA LYS A 29 8.14 8.28 23.72
C LYS A 29 6.74 8.22 23.08
N PHE A 30 6.61 8.77 21.88
CA PHE A 30 5.33 8.76 21.17
C PHE A 30 4.94 7.30 20.81
N LEU A 31 5.89 6.52 20.35
CA LEU A 31 5.54 5.08 19.99
C LEU A 31 5.02 4.35 21.19
N TYR A 32 5.72 4.47 22.32
CA TYR A 32 5.24 3.86 23.56
C TYR A 32 3.79 4.32 23.87
N ASN A 33 3.57 5.65 23.81
CA ASN A 33 2.27 6.23 24.11
C ASN A 33 1.13 5.71 23.22
N PHE A 34 1.47 5.41 21.97
CA PHE A 34 0.47 5.02 20.94
C PHE A 34 0.15 3.50 20.91
N THR A 35 0.88 2.72 21.69
CA THR A 35 0.85 1.24 21.52
C THR A 35 0.49 0.44 22.77
N GLN A 36 -0.03 1.09 23.80
CA GLN A 36 -0.36 0.43 25.07
C GLN A 36 -1.68 -0.33 25.03
N ILE A 37 -2.60 0.11 24.17
CA ILE A 37 -3.94 -0.51 24.01
C ILE A 37 -4.24 -0.62 22.53
N PRO A 38 -5.18 -1.51 22.15
CA PRO A 38 -5.49 -1.55 20.75
C PRO A 38 -6.22 -0.30 20.27
N HIS A 39 -6.05 0.05 18.99
CA HIS A 39 -6.75 1.16 18.36
C HIS A 39 -7.44 0.75 17.07
N LEU A 40 -8.32 -0.25 17.20
CA LEU A 40 -9.03 -0.78 16.02
C LEU A 40 -9.99 0.27 15.47
N ALA A 41 -10.05 0.42 14.14
CA ALA A 41 -10.95 1.38 13.54
C ALA A 41 -12.38 1.20 14.00
N GLY A 42 -13.04 2.32 14.32
CA GLY A 42 -14.47 2.30 14.69
C GLY A 42 -14.70 2.08 16.17
N THR A 43 -13.61 1.83 16.93
CA THR A 43 -13.76 1.59 18.37
C THR A 43 -13.57 2.88 19.21
N GLU A 44 -14.09 2.88 20.44
CA GLU A 44 -13.95 4.07 21.32
C GLU A 44 -12.48 4.43 21.55
N GLN A 45 -11.63 3.42 21.69
CA GLN A 45 -10.19 3.65 21.98
C GLN A 45 -9.53 4.45 20.85
N ASN A 46 -9.95 4.19 19.62
CA ASN A 46 -9.34 4.90 18.48
C ASN A 46 -9.88 6.32 18.32
N PHE A 47 -11.11 6.58 18.77
CA PHE A 47 -11.69 7.92 18.81
C PHE A 47 -10.94 8.69 19.91
N GLN A 48 -10.69 8.08 21.06
CA GLN A 48 -9.93 8.76 22.13
C GLN A 48 -8.51 9.15 21.67
N LEU A 49 -7.85 8.26 20.93
CA LEU A 49 -6.54 8.57 20.41
C LEU A 49 -6.63 9.74 19.40
N ALA A 50 -7.67 9.74 18.55
CA ALA A 50 -7.84 10.84 17.60
C ALA A 50 -7.92 12.19 18.36
N LYS A 51 -8.70 12.21 19.44
CA LYS A 51 -8.90 13.46 20.21
C LYS A 51 -7.60 13.83 20.85
N GLN A 52 -6.81 12.85 21.30
CA GLN A 52 -5.49 13.16 21.90
C GLN A 52 -4.54 13.81 20.86
N ILE A 53 -4.46 13.22 19.68
N ILE A 53 -4.46 13.19 19.68
CA ILE A 53 -3.61 13.72 18.61
CA ILE A 53 -3.64 13.68 18.56
C ILE A 53 -4.07 15.12 18.17
C ILE A 53 -4.07 15.10 18.19
N GLN A 54 -5.39 15.32 18.07
CA GLN A 54 -5.91 16.65 17.75
C GLN A 54 -5.42 17.70 18.80
N SER A 55 -5.59 17.38 20.07
N SER A 55 -5.58 17.39 20.08
CA SER A 55 -5.16 18.30 21.14
CA SER A 55 -5.16 18.28 21.18
C SER A 55 -3.64 18.61 21.10
C SER A 55 -3.65 18.59 21.15
N GLN A 56 -2.86 17.56 20.91
CA GLN A 56 -1.40 17.67 20.86
C GLN A 56 -0.93 18.45 19.63
N TRP A 57 -1.52 18.23 18.46
CA TRP A 57 -1.16 19.02 17.28
C TRP A 57 -1.45 20.51 17.45
N LYS A 58 -2.56 20.83 18.13
CA LYS A 58 -2.90 22.23 18.51
C LYS A 58 -1.82 22.78 19.44
N GLU A 59 -1.46 22.04 20.50
CA GLU A 59 -0.38 22.47 21.42
C GLU A 59 0.96 22.65 20.71
N PHE A 60 1.26 21.78 19.74
CA PHE A 60 2.48 21.85 18.95
C PHE A 60 2.62 23.13 18.13
N GLY A 61 1.50 23.80 17.85
CA GLY A 61 1.49 25.08 17.13
C GLY A 61 0.75 25.14 15.79
N LEU A 62 0.09 24.06 15.35
CA LEU A 62 -0.62 24.19 14.11
C LEU A 62 -1.72 25.24 14.13
N ASP A 63 -2.04 25.81 12.96
CA ASP A 63 -3.08 26.83 12.83
C ASP A 63 -4.49 26.40 13.11
N SER A 64 -4.84 25.19 12.62
CA SER A 64 -6.11 24.58 12.96
C SER A 64 -5.93 23.08 12.93
N VAL A 65 -6.72 22.42 13.76
CA VAL A 65 -6.69 20.98 13.78
C VAL A 65 -8.13 20.52 13.98
N GLU A 66 -8.69 19.87 12.96
CA GLU A 66 -10.11 19.42 13.00
C GLU A 66 -10.23 17.87 12.88
N LEU A 67 -11.33 17.34 13.40
CA LEU A 67 -11.71 15.92 13.05
C LEU A 67 -12.63 15.93 11.87
N ALA A 68 -12.35 15.08 10.89
CA ALA A 68 -13.28 14.88 9.76
C ALA A 68 -13.78 13.43 9.91
N HIS A 69 -15.09 13.29 10.12
CA HIS A 69 -15.68 11.95 10.39
C HIS A 69 -16.55 11.52 9.21
N TYR A 70 -16.70 10.20 9.10
CA TYR A 70 -17.49 9.56 8.01
C TYR A 70 -18.10 8.31 8.61
N ASP A 71 -19.21 7.85 8.01
CA ASP A 71 -19.83 6.59 8.50
C ASP A 71 -19.69 5.58 7.38
N VAL A 72 -18.79 4.60 7.59
CA VAL A 72 -18.34 3.68 6.51
C VAL A 72 -18.61 2.25 6.93
N LEU A 73 -18.65 1.35 5.93
CA LEU A 73 -18.84 -0.08 6.26
C LEU A 73 -17.55 -0.66 6.84
N LEU A 74 -17.62 -1.17 8.09
CA LEU A 74 -16.53 -1.90 8.72
C LEU A 74 -16.99 -3.34 8.96
N SER A 75 -16.13 -4.16 9.55
CA SER A 75 -16.43 -5.60 9.72
C SER A 75 -15.80 -6.07 11.02
N TYR A 76 -16.57 -6.82 11.83
CA TYR A 76 -16.09 -7.29 13.10
C TYR A 76 -16.55 -8.72 13.36
N PRO A 77 -15.72 -9.53 14.04
CA PRO A 77 -16.24 -10.83 14.52
C PRO A 77 -17.34 -10.65 15.53
N ASN A 78 -18.17 -11.68 15.69
CA ASN A 78 -19.19 -11.68 16.71
C ASN A 78 -18.56 -12.17 18.03
N LYS A 79 -18.58 -11.30 19.05
CA LYS A 79 -17.96 -11.57 20.37
C LYS A 79 -18.51 -12.81 21.05
N THR A 80 -19.77 -13.15 20.79
CA THR A 80 -20.38 -14.29 21.47
C THR A 80 -20.66 -15.48 20.52
N HIS A 81 -20.15 -15.41 19.31
CA HIS A 81 -20.27 -16.51 18.35
C HIS A 81 -18.99 -16.60 17.54
N PRO A 82 -17.92 -17.17 18.14
CA PRO A 82 -16.58 -17.04 17.54
C PRO A 82 -16.36 -17.83 16.25
N ASN A 83 -15.50 -17.28 15.39
CA ASN A 83 -15.07 -17.86 14.11
C ASN A 83 -14.08 -18.98 14.37
N TYR A 84 -14.21 -20.12 13.67
CA TYR A 84 -13.22 -21.20 13.75
C TYR A 84 -13.42 -22.18 12.59
N ILE A 85 -12.43 -23.05 12.39
CA ILE A 85 -12.45 -24.07 11.32
C ILE A 85 -12.34 -25.42 12.01
N SER A 86 -13.08 -26.42 11.52
CA SER A 86 -13.01 -27.76 12.07
C SER A 86 -12.59 -28.79 11.03
N ILE A 87 -12.01 -29.91 11.50
CA ILE A 87 -12.07 -31.15 10.74
C ILE A 87 -13.25 -31.90 11.36
N ILE A 88 -14.14 -32.35 10.50
CA ILE A 88 -15.30 -33.16 10.97
C ILE A 88 -15.28 -34.56 10.40
N ASN A 89 -15.61 -35.54 11.23
CA ASN A 89 -15.76 -36.94 10.72
C ASN A 89 -17.13 -37.15 10.07
N GLU A 90 -17.34 -38.34 9.49
CA GLU A 90 -18.57 -38.60 8.70
C GLU A 90 -19.88 -38.66 9.50
N ASP A 91 -19.75 -38.70 10.83
CA ASP A 91 -20.82 -38.57 11.79
C ASP A 91 -21.14 -37.12 12.16
N GLY A 92 -20.36 -36.18 11.62
CA GLY A 92 -20.49 -34.76 11.95
C GLY A 92 -19.85 -34.31 13.26
N ASN A 93 -18.95 -35.13 13.83
CA ASN A 93 -18.20 -34.74 15.04
C ASN A 93 -16.99 -33.91 14.67
N GLU A 94 -16.79 -32.83 15.40
CA GLU A 94 -15.66 -31.91 15.15
C GLU A 94 -14.48 -32.35 15.99
N ILE A 95 -13.51 -32.94 15.30
CA ILE A 95 -12.44 -33.71 15.94
C ILE A 95 -11.18 -32.89 16.01
N PHE A 96 -11.19 -31.76 15.32
CA PHE A 96 -10.13 -30.77 15.48
C PHE A 96 -10.70 -29.40 15.23
N ASN A 97 -10.35 -28.46 16.12
CA ASN A 97 -10.74 -27.05 15.96
C ASN A 97 -9.54 -26.10 15.97
N THR A 98 -9.54 -25.14 15.05
CA THR A 98 -8.50 -24.09 15.05
C THR A 98 -8.68 -23.16 16.29
N SER A 99 -7.63 -22.40 16.62
N SER A 99 -7.63 -22.40 16.63
CA SER A 99 -7.66 -21.56 17.85
CA SER A 99 -7.64 -21.55 17.84
C SER A 99 -8.72 -20.45 17.79
C SER A 99 -8.67 -20.42 17.79
N LEU A 100 -9.18 -20.04 18.96
CA LEU A 100 -10.14 -18.93 19.04
C LEU A 100 -9.44 -17.56 19.18
N PHE A 101 -8.15 -17.61 19.46
CA PHE A 101 -7.36 -16.36 19.68
C PHE A 101 -5.87 -16.68 19.65
N GLU A 102 -5.03 -15.65 19.43
CA GLU A 102 -3.55 -15.81 19.55
C GLU A 102 -3.18 -15.74 21.02
N PRO A 103 -2.29 -16.65 21.51
CA PRO A 103 -1.81 -16.49 22.89
C PRO A 103 -1.21 -15.05 23.10
N PRO A 104 -1.76 -14.28 24.05
CA PRO A 104 -1.31 -12.87 24.13
C PRO A 104 0.15 -12.82 24.63
N PRO A 105 0.90 -11.78 24.22
CA PRO A 105 2.32 -11.70 24.59
C PRO A 105 2.50 -11.36 26.09
N PRO A 106 3.73 -11.58 26.62
CA PRO A 106 4.01 -11.33 28.04
C PRO A 106 3.60 -9.95 28.55
N GLY A 107 2.81 -9.95 29.63
CA GLY A 107 2.34 -8.72 30.27
C GLY A 107 1.15 -8.05 29.61
N TYR A 108 0.65 -8.64 28.52
CA TYR A 108 -0.59 -8.19 27.82
C TYR A 108 -1.71 -9.22 27.90
N GLU A 109 -1.50 -10.27 28.69
CA GLU A 109 -2.47 -11.37 28.83
C GLU A 109 -3.80 -10.89 29.48
N ASN A 110 -3.78 -9.69 30.09
CA ASN A 110 -5.00 -9.09 30.67
C ASN A 110 -5.57 -7.91 29.87
N VAL A 111 -4.98 -7.64 28.72
CA VAL A 111 -5.43 -6.54 27.91
C VAL A 111 -6.77 -6.92 27.26
N SER A 112 -7.77 -6.05 27.47
N SER A 112 -7.76 -6.03 27.45
CA SER A 112 -9.11 -6.19 26.92
CA SER A 112 -9.09 -6.18 26.92
C SER A 112 -9.15 -5.76 25.45
C SER A 112 -9.15 -5.73 25.46
N ASP A 113 -10.19 -6.21 24.75
CA ASP A 113 -10.50 -5.78 23.39
C ASP A 113 -9.41 -6.06 22.36
N ILE A 114 -8.66 -7.16 22.52
CA ILE A 114 -7.84 -7.63 21.40
C ILE A 114 -8.76 -8.35 20.40
N VAL A 115 -8.89 -7.84 19.19
CA VAL A 115 -9.80 -8.48 18.22
C VAL A 115 -9.18 -9.83 17.82
N PRO A 116 -9.93 -10.95 17.90
CA PRO A 116 -9.31 -12.21 17.48
C PRO A 116 -9.02 -12.21 15.97
N PRO A 117 -8.12 -13.11 15.51
CA PRO A 117 -7.87 -13.16 14.09
C PRO A 117 -9.15 -13.40 13.29
N PHE A 118 -9.29 -12.65 12.22
CA PHE A 118 -10.37 -12.79 11.24
C PHE A 118 -9.98 -12.14 9.94
N SER A 119 -10.75 -12.43 8.90
CA SER A 119 -10.59 -11.80 7.61
C SER A 119 -11.68 -10.80 7.48
N ALA A 120 -11.34 -9.50 7.53
CA ALA A 120 -12.40 -8.55 7.52
C ALA A 120 -13.14 -8.47 6.21
N PHE A 121 -14.48 -8.37 6.38
CA PHE A 121 -15.49 -8.36 5.31
C PHE A 121 -15.83 -9.77 4.77
N SER A 122 -15.30 -10.85 5.34
CA SER A 122 -15.86 -12.20 4.98
C SER A 122 -17.36 -12.19 5.17
N PRO A 123 -18.10 -12.83 4.25
CA PRO A 123 -19.49 -13.09 4.55
C PRO A 123 -19.62 -14.18 5.62
N GLN A 124 -20.83 -14.35 6.13
CA GLN A 124 -21.07 -15.44 7.09
C GLN A 124 -21.26 -16.74 6.36
N GLY A 125 -20.95 -17.84 7.03
CA GLY A 125 -21.38 -19.14 6.44
C GLY A 125 -20.77 -20.32 7.20
N MET A 126 -21.25 -21.53 6.90
CA MET A 126 -20.69 -22.76 7.45
C MET A 126 -20.38 -23.79 6.40
N PRO A 127 -19.65 -23.41 5.32
CA PRO A 127 -19.34 -24.35 4.22
C PRO A 127 -18.55 -25.54 4.72
N GLU A 128 -18.88 -26.70 4.17
CA GLU A 128 -18.25 -27.94 4.54
C GLU A 128 -17.82 -28.63 3.25
N GLY A 129 -16.57 -29.02 3.16
CA GLY A 129 -16.12 -29.72 1.96
C GLY A 129 -14.73 -30.28 2.05
N ASP A 130 -14.21 -30.61 0.86
CA ASP A 130 -12.86 -31.14 0.66
C ASP A 130 -11.89 -29.99 0.36
N LEU A 131 -10.68 -30.14 0.86
N LEU A 131 -10.70 -30.08 0.93
CA LEU A 131 -9.61 -29.14 0.78
CA LEU A 131 -9.65 -29.08 0.74
C LEU A 131 -8.77 -29.28 -0.49
C LEU A 131 -8.93 -29.29 -0.58
N VAL A 132 -8.55 -28.18 -1.21
CA VAL A 132 -7.55 -28.14 -2.29
C VAL A 132 -6.50 -27.07 -1.83
N TYR A 133 -5.23 -27.46 -1.88
CA TYR A 133 -4.11 -26.57 -1.56
C TYR A 133 -3.65 -25.82 -2.81
N VAL A 134 -3.61 -24.48 -2.75
CA VAL A 134 -3.48 -23.71 -3.98
C VAL A 134 -2.19 -22.85 -3.97
N ASN A 135 -1.22 -23.27 -3.17
CA ASN A 135 0.06 -22.51 -3.01
C ASN A 135 -0.28 -21.10 -2.53
N TYR A 136 0.17 -20.04 -3.23
CA TYR A 136 -0.09 -18.64 -2.82
C TYR A 136 -1.39 -18.08 -3.37
N ALA A 137 -2.18 -18.92 -4.07
CA ALA A 137 -3.45 -18.53 -4.70
C ALA A 137 -3.26 -17.36 -5.68
N ARG A 138 -2.10 -17.35 -6.33
CA ARG A 138 -1.87 -16.36 -7.39
C ARG A 138 -2.55 -16.80 -8.68
N THR A 139 -2.72 -15.88 -9.62
CA THR A 139 -3.27 -16.19 -10.93
C THR A 139 -2.52 -17.35 -11.55
N GLU A 140 -1.18 -17.35 -11.46
CA GLU A 140 -0.41 -18.45 -12.07
C GLU A 140 -0.55 -19.76 -11.32
N ASP A 141 -0.83 -19.70 -10.02
CA ASP A 141 -1.11 -20.96 -9.26
C ASP A 141 -2.41 -21.60 -9.74
N PHE A 142 -3.44 -20.79 -9.95
CA PHE A 142 -4.72 -21.30 -10.49
C PHE A 142 -4.61 -21.79 -11.93
N PHE A 143 -3.82 -21.10 -12.75
CA PHE A 143 -3.53 -21.60 -14.11
C PHE A 143 -2.88 -22.98 -14.04
N LYS A 144 -1.89 -23.16 -13.15
CA LYS A 144 -1.19 -24.44 -12.99
C LYS A 144 -2.18 -25.53 -12.58
N LEU A 145 -3.04 -25.23 -11.61
CA LEU A 145 -4.05 -26.18 -11.17
C LEU A 145 -5.04 -26.59 -12.25
N GLU A 146 -5.69 -25.59 -12.86
N GLU A 146 -5.62 -25.59 -12.91
CA GLU A 146 -6.75 -25.87 -13.86
CA GLU A 146 -6.74 -25.80 -13.82
C GLU A 146 -6.19 -26.40 -15.17
C GLU A 146 -6.39 -26.15 -15.26
N ARG A 147 -5.23 -25.69 -15.73
CA ARG A 147 -4.78 -25.95 -17.11
C ARG A 147 -3.83 -27.12 -17.21
N ASP A 148 -2.90 -27.23 -16.25
CA ASP A 148 -1.84 -28.23 -16.31
C ASP A 148 -2.21 -29.47 -15.50
N MET A 149 -2.62 -29.28 -14.24
CA MET A 149 -2.89 -30.46 -13.39
C MET A 149 -4.30 -31.00 -13.52
N LYS A 150 -5.18 -30.25 -14.18
CA LYS A 150 -6.61 -30.59 -14.36
C LYS A 150 -7.35 -30.85 -13.03
N ILE A 151 -7.08 -30.00 -12.05
CA ILE A 151 -7.75 -30.03 -10.76
C ILE A 151 -8.78 -28.90 -10.71
N ASN A 152 -10.01 -29.31 -10.38
CA ASN A 152 -11.16 -28.42 -10.36
C ASN A 152 -11.48 -27.99 -8.92
N CYS A 153 -11.38 -26.68 -8.67
CA CYS A 153 -11.70 -26.09 -7.35
C CYS A 153 -13.17 -25.83 -7.07
N SER A 154 -14.06 -26.11 -8.05
CA SER A 154 -15.49 -25.81 -7.92
C SER A 154 -16.07 -26.58 -6.74
N GLY A 155 -16.75 -25.85 -5.84
CA GLY A 155 -17.28 -26.44 -4.61
C GLY A 155 -16.30 -26.99 -3.59
N LYS A 156 -15.01 -26.65 -3.74
CA LYS A 156 -13.98 -27.07 -2.80
C LYS A 156 -13.66 -25.93 -1.78
N ILE A 157 -13.14 -26.29 -0.61
CA ILE A 157 -12.52 -25.22 0.25
C ILE A 157 -11.06 -25.18 -0.11
N VAL A 158 -10.59 -23.98 -0.41
CA VAL A 158 -9.19 -23.87 -0.79
C VAL A 158 -8.38 -23.40 0.41
N ILE A 159 -7.19 -23.96 0.52
CA ILE A 159 -6.24 -23.49 1.53
C ILE A 159 -5.03 -22.90 0.84
N ALA A 160 -4.70 -21.65 1.20
CA ALA A 160 -3.66 -20.90 0.51
C ALA A 160 -2.70 -20.35 1.54
N ARG A 161 -1.41 -20.40 1.23
CA ARG A 161 -0.43 -19.70 2.09
C ARG A 161 -0.38 -18.21 1.75
N TYR A 162 -0.27 -17.43 2.81
CA TYR A 162 -0.07 -15.97 2.68
C TYR A 162 1.28 -15.70 2.02
N GLY A 163 1.42 -14.52 1.43
CA GLY A 163 2.71 -14.10 0.86
C GLY A 163 2.58 -13.83 -0.63
N LYS A 164 3.57 -13.10 -1.17
CA LYS A 164 3.72 -12.84 -2.62
C LYS A 164 2.76 -11.82 -3.21
N VAL A 165 1.49 -11.87 -2.81
CA VAL A 165 0.48 -10.93 -3.34
C VAL A 165 -0.47 -10.56 -2.24
N PHE A 166 -1.17 -9.43 -2.42
CA PHE A 166 -2.19 -8.99 -1.49
C PHE A 166 -3.27 -10.08 -1.31
N ARG A 167 -3.69 -10.25 -0.07
CA ARG A 167 -4.64 -11.35 0.25
C ARG A 167 -6.00 -11.17 -0.44
N GLY A 168 -6.42 -9.94 -0.75
CA GLY A 168 -7.68 -9.72 -1.48
C GLY A 168 -7.63 -10.34 -2.88
N ASN A 169 -6.46 -10.30 -3.52
CA ASN A 169 -6.30 -10.90 -4.87
C ASN A 169 -6.41 -12.43 -4.78
N LYS A 170 -5.86 -13.02 -3.72
CA LYS A 170 -6.00 -14.48 -3.47
C LYS A 170 -7.49 -14.90 -3.41
N VAL A 171 -8.28 -14.14 -2.65
CA VAL A 171 -9.69 -14.36 -2.47
C VAL A 171 -10.44 -14.19 -3.78
N LYS A 172 -10.20 -13.12 -4.53
CA LYS A 172 -10.80 -12.95 -5.86
C LYS A 172 -10.50 -14.18 -6.76
N ASN A 173 -9.24 -14.61 -6.76
CA ASN A 173 -8.81 -15.69 -7.63
C ASN A 173 -9.54 -16.96 -7.24
N ALA A 174 -9.61 -17.22 -5.92
CA ALA A 174 -10.30 -18.45 -5.46
C ALA A 174 -11.76 -18.43 -5.80
N GLN A 175 -12.41 -17.28 -5.63
N GLN A 175 -12.39 -17.27 -5.64
CA GLN A 175 -13.80 -17.11 -6.03
CA GLN A 175 -13.82 -17.04 -5.97
C GLN A 175 -14.03 -17.49 -7.47
C GLN A 175 -14.13 -17.30 -7.45
N LEU A 176 -13.20 -16.90 -8.32
CA LEU A 176 -13.34 -17.06 -9.78
C LEU A 176 -13.10 -18.53 -10.19
N ALA A 177 -12.29 -19.23 -9.39
CA ALA A 177 -12.07 -20.68 -9.54
C ALA A 177 -13.25 -21.55 -9.06
N GLY A 178 -14.27 -20.94 -8.45
CA GLY A 178 -15.42 -21.68 -7.91
C GLY A 178 -15.29 -22.19 -6.48
N ALA A 179 -14.25 -21.82 -5.75
CA ALA A 179 -14.12 -22.20 -4.33
C ALA A 179 -15.38 -21.80 -3.54
N LYS A 180 -15.71 -22.56 -2.51
CA LYS A 180 -16.79 -22.17 -1.65
C LYS A 180 -16.28 -21.64 -0.32
N GLY A 181 -14.96 -21.57 -0.15
CA GLY A 181 -14.38 -20.95 1.04
C GLY A 181 -12.86 -20.93 0.92
N VAL A 182 -12.24 -20.04 1.69
CA VAL A 182 -10.77 -19.89 1.63
C VAL A 182 -10.22 -19.86 3.05
N ILE A 183 -9.18 -20.66 3.26
CA ILE A 183 -8.42 -20.67 4.52
C ILE A 183 -7.04 -20.11 4.17
N LEU A 184 -6.66 -19.00 4.82
CA LEU A 184 -5.33 -18.38 4.65
C LEU A 184 -4.44 -18.78 5.81
N TYR A 185 -3.17 -19.11 5.55
CA TYR A 185 -2.29 -19.42 6.69
C TYR A 185 -0.89 -18.86 6.45
N SER A 186 -0.17 -18.64 7.54
CA SER A 186 1.24 -18.24 7.45
C SER A 186 2.20 -19.43 7.51
N ASP A 187 2.86 -19.72 6.39
CA ASP A 187 3.83 -20.80 6.35
C ASP A 187 5.18 -20.29 6.91
N PRO A 188 5.85 -21.07 7.77
CA PRO A 188 7.21 -20.68 8.19
C PRO A 188 8.17 -20.38 7.05
N ALA A 189 7.99 -21.00 5.87
CA ALA A 189 8.84 -20.65 4.69
C ALA A 189 8.80 -19.14 4.40
N ASP A 190 7.65 -18.53 4.65
CA ASP A 190 7.41 -17.10 4.33
C ASP A 190 7.46 -16.17 5.53
N TYR A 191 7.35 -16.71 6.75
CA TYR A 191 7.19 -15.89 7.97
C TYR A 191 8.08 -16.33 9.12
N PHE A 192 9.11 -17.13 8.83
CA PHE A 192 10.04 -17.59 9.88
C PHE A 192 11.44 -17.55 9.31
N ALA A 193 12.18 -16.50 9.66
CA ALA A 193 13.55 -16.31 9.20
C ALA A 193 14.47 -17.32 9.89
N PRO A 194 15.32 -18.04 9.12
CA PRO A 194 16.27 -18.99 9.71
C PRO A 194 17.15 -18.34 10.79
N GLY A 195 17.37 -19.05 11.90
CA GLY A 195 18.28 -18.63 12.97
C GLY A 195 17.77 -17.59 13.95
N VAL A 196 16.51 -17.19 13.81
CA VAL A 196 15.89 -16.15 14.66
C VAL A 196 14.83 -16.82 15.52
N LYS A 197 14.71 -16.40 16.78
CA LYS A 197 13.68 -16.94 17.67
C LYS A 197 12.29 -16.32 17.46
N SER A 198 11.25 -17.10 17.77
CA SER A 198 9.86 -16.64 17.84
C SER A 198 9.68 -15.60 18.92
N TYR A 199 8.76 -14.66 18.69
CA TYR A 199 8.36 -13.70 19.72
C TYR A 199 7.92 -14.47 20.98
N PRO A 200 8.28 -14.03 22.20
CA PRO A 200 8.92 -12.75 22.59
C PRO A 200 10.44 -12.75 22.61
N ASP A 201 11.06 -13.84 22.17
CA ASP A 201 12.54 -13.95 22.25
C ASP A 201 13.27 -13.54 20.99
N GLY A 202 12.52 -13.31 19.92
CA GLY A 202 13.04 -12.78 18.68
C GLY A 202 11.88 -12.22 17.90
N TRP A 203 12.13 -11.96 16.62
CA TRP A 203 11.13 -11.27 15.80
C TRP A 203 10.36 -12.18 14.83
N ASN A 204 10.45 -13.51 15.05
CA ASN A 204 9.73 -14.47 14.20
C ASN A 204 8.32 -14.71 14.67
N LEU A 205 7.50 -15.17 13.72
CA LEU A 205 6.12 -15.56 13.98
C LEU A 205 6.04 -16.95 14.68
N PRO A 206 5.41 -17.01 15.88
CA PRO A 206 5.23 -18.31 16.51
C PRO A 206 4.09 -19.10 15.85
N GLY A 207 3.96 -20.41 16.16
CA GLY A 207 2.95 -21.25 15.47
C GLY A 207 1.52 -20.88 15.76
N GLY A 208 1.27 -20.16 16.89
CA GLY A 208 -0.07 -19.69 17.21
C GLY A 208 -0.35 -18.26 16.73
N GLY A 209 0.65 -17.62 16.11
CA GLY A 209 0.48 -16.27 15.57
C GLY A 209 -0.33 -16.28 14.28
N VAL A 210 -1.13 -15.23 14.08
CA VAL A 210 -2.02 -15.13 12.92
C VAL A 210 -2.02 -13.70 12.37
N GLN A 211 -2.00 -13.60 11.05
CA GLN A 211 -2.07 -12.34 10.32
C GLN A 211 -3.54 -11.95 10.04
N ARG A 212 -4.04 -10.90 10.69
CA ARG A 212 -5.29 -10.24 10.33
C ARG A 212 -5.18 -9.51 8.99
N GLY A 213 -6.32 -9.16 8.41
CA GLY A 213 -6.32 -8.25 7.26
C GLY A 213 -7.57 -8.31 6.42
N ASN A 214 -7.92 -7.20 5.78
CA ASN A 214 -9.15 -7.17 4.95
C ASN A 214 -8.91 -7.97 3.65
N ILE A 215 -10.01 -8.50 3.10
CA ILE A 215 -9.95 -9.27 1.84
C ILE A 215 -10.81 -8.63 0.78
N LEU A 216 -10.96 -7.31 0.79
CA LEU A 216 -11.72 -6.60 -0.25
C LEU A 216 -10.97 -6.52 -1.59
N ASN A 217 -11.73 -6.18 -2.64
CA ASN A 217 -11.19 -5.85 -3.96
C ASN A 217 -11.88 -4.57 -4.38
N LEU A 218 -11.44 -3.48 -3.71
CA LEU A 218 -12.13 -2.19 -3.91
C LEU A 218 -11.71 -1.47 -5.18
N ASN A 219 -10.49 -1.75 -5.66
CA ASN A 219 -9.93 -1.03 -6.85
C ASN A 219 -10.01 0.49 -6.73
N GLY A 220 -9.78 0.98 -5.52
CA GLY A 220 -9.70 2.46 -5.31
C GLY A 220 -11.02 3.08 -4.88
N ALA A 221 -12.10 2.30 -4.64
CA ALA A 221 -13.36 2.95 -4.44
C ALA A 221 -13.61 3.59 -3.09
N GLY A 222 -12.84 3.18 -2.06
CA GLY A 222 -13.11 3.65 -0.69
C GLY A 222 -14.27 2.91 -0.05
N ASP A 223 -15.05 3.55 0.81
CA ASP A 223 -16.18 2.88 1.49
C ASP A 223 -17.02 2.08 0.45
N PRO A 224 -17.20 0.74 0.68
CA PRO A 224 -18.01 -0.10 -0.25
C PRO A 224 -19.36 0.48 -0.64
N LEU A 225 -19.99 1.27 0.25
CA LEU A 225 -21.35 1.71 0.06
C LEU A 225 -21.51 3.03 -0.66
N THR A 226 -20.40 3.79 -0.82
CA THR A 226 -20.55 5.17 -1.34
C THR A 226 -19.52 5.53 -2.41
N PRO A 227 -19.23 4.68 -3.40
CA PRO A 227 -18.16 4.93 -4.38
C PRO A 227 -18.40 6.26 -5.10
N GLY A 228 -17.37 7.16 -5.02
CA GLY A 228 -17.37 8.42 -5.77
C GLY A 228 -17.71 9.60 -4.90
N TYR A 229 -18.27 9.39 -3.72
CA TYR A 229 -18.79 10.51 -2.87
C TYR A 229 -18.51 10.24 -1.40
N PRO A 230 -18.32 11.32 -0.58
CA PRO A 230 -17.99 11.06 0.80
C PRO A 230 -19.19 10.48 1.57
N ALA A 231 -18.86 9.59 2.52
CA ALA A 231 -19.85 8.91 3.37
C ALA A 231 -20.23 9.85 4.53
N ASN A 232 -20.83 10.98 4.17
CA ASN A 232 -21.23 11.99 5.13
C ASN A 232 -22.61 11.70 5.74
N GLU A 233 -23.16 12.68 6.47
N GLU A 233 -23.17 12.65 6.51
CA GLU A 233 -24.38 12.49 7.24
CA GLU A 233 -24.42 12.40 7.24
C GLU A 233 -25.63 12.24 6.37
C GLU A 233 -25.62 12.15 6.33
N TYR A 234 -25.62 12.71 5.12
CA TYR A 234 -26.81 12.62 4.25
C TYR A 234 -26.54 11.70 3.06
N ALA A 235 -25.44 10.94 3.14
CA ALA A 235 -25.05 10.08 2.02
C ALA A 235 -26.15 9.05 1.70
N TYR A 236 -26.35 8.76 0.43
N TYR A 236 -26.41 8.92 0.39
CA TYR A 236 -27.21 7.63 0.07
CA TYR A 236 -27.16 7.81 -0.18
C TYR A 236 -26.31 6.41 -0.12
C TYR A 236 -26.19 6.69 -0.32
N ARG A 237 -26.63 5.32 0.55
N ARG A 237 -26.53 5.58 0.32
CA ARG A 237 -25.82 4.11 0.52
CA ARG A 237 -25.73 4.36 0.38
C ARG A 237 -26.37 3.10 -0.40
C ARG A 237 -26.33 3.25 -0.48
N ARG A 238 -25.45 2.50 -1.15
CA ARG A 238 -25.83 1.23 -1.82
C ARG A 238 -26.29 0.17 -0.84
N GLY A 239 -27.25 -0.67 -1.26
CA GLY A 239 -27.52 -1.90 -0.49
C GLY A 239 -26.29 -2.80 -0.53
N ILE A 240 -26.20 -3.73 0.44
CA ILE A 240 -25.10 -4.73 0.51
C ILE A 240 -24.86 -5.45 -0.79
N ALA A 241 -25.92 -5.91 -1.44
CA ALA A 241 -25.78 -6.66 -2.67
C ALA A 241 -25.13 -5.88 -3.80
N GLU A 242 -25.12 -4.52 -3.71
CA GLU A 242 -24.57 -3.68 -4.76
C GLU A 242 -23.25 -3.06 -4.33
N ALA A 243 -22.80 -3.40 -3.12
CA ALA A 243 -21.58 -2.81 -2.56
C ALA A 243 -20.36 -3.19 -3.37
N VAL A 244 -19.35 -2.32 -3.32
CA VAL A 244 -18.13 -2.57 -4.07
C VAL A 244 -17.15 -3.45 -3.30
N GLY A 245 -16.71 -4.54 -3.94
CA GLY A 245 -15.54 -5.25 -3.55
C GLY A 245 -15.66 -6.30 -2.47
N LEU A 246 -16.89 -6.61 -2.03
N LEU A 246 -16.88 -6.60 -2.01
CA LEU A 246 -17.08 -7.64 -0.97
CA LEU A 246 -17.08 -7.65 -0.98
C LEU A 246 -16.88 -9.08 -1.52
C LEU A 246 -16.84 -9.05 -1.54
N PRO A 247 -16.20 -9.92 -0.76
CA PRO A 247 -16.03 -11.35 -1.16
C PRO A 247 -17.37 -12.10 -1.08
N SER A 248 -17.51 -13.13 -1.90
N SER A 248 -17.54 -13.12 -1.92
CA SER A 248 -18.80 -13.88 -1.95
CA SER A 248 -18.81 -13.87 -1.90
C SER A 248 -18.75 -15.19 -1.18
C SER A 248 -18.74 -15.23 -1.22
N ILE A 249 -17.58 -15.57 -0.68
CA ILE A 249 -17.35 -16.87 0.02
C ILE A 249 -16.64 -16.61 1.34
N PRO A 250 -16.87 -17.40 2.37
CA PRO A 250 -16.23 -17.22 3.71
C PRO A 250 -14.73 -17.41 3.67
N VAL A 251 -14.02 -16.63 4.50
CA VAL A 251 -12.54 -16.64 4.49
C VAL A 251 -12.05 -16.45 5.94
N HIS A 252 -10.99 -17.15 6.31
CA HIS A 252 -10.47 -17.08 7.68
C HIS A 252 -8.99 -17.40 7.69
N PRO A 253 -8.23 -16.65 8.50
CA PRO A 253 -6.79 -16.87 8.60
C PRO A 253 -6.38 -17.66 9.84
N ILE A 254 -5.36 -18.51 9.70
CA ILE A 254 -4.84 -19.33 10.80
C ILE A 254 -3.30 -19.33 10.82
N GLY A 255 -2.75 -19.77 11.94
CA GLY A 255 -1.31 -19.91 12.10
C GLY A 255 -0.83 -21.27 11.65
N TYR A 256 0.48 -21.48 11.71
CA TYR A 256 1.04 -22.68 11.14
C TYR A 256 0.89 -23.92 12.01
N TYR A 257 0.69 -23.79 13.34
CA TYR A 257 0.32 -24.99 14.13
C TYR A 257 -1.03 -25.57 13.64
N ASP A 258 -2.01 -24.73 13.42
CA ASP A 258 -3.35 -25.15 12.95
C ASP A 258 -3.30 -25.59 11.49
N ALA A 259 -2.52 -24.86 10.69
CA ALA A 259 -2.34 -25.25 9.26
C ALA A 259 -1.74 -26.64 9.13
N GLN A 260 -0.74 -26.97 9.96
CA GLN A 260 -0.15 -28.30 9.89
C GLN A 260 -1.23 -29.36 10.12
N LYS A 261 -2.16 -29.11 11.04
CA LYS A 261 -3.20 -30.11 11.28
C LYS A 261 -4.13 -30.28 10.09
N LEU A 262 -4.40 -29.20 9.35
CA LEU A 262 -5.23 -29.25 8.13
C LEU A 262 -4.51 -29.84 6.92
N LEU A 263 -3.20 -29.61 6.82
CA LEU A 263 -2.46 -30.06 5.65
C LEU A 263 -1.96 -31.50 5.75
N GLU A 264 -1.74 -31.99 6.96
CA GLU A 264 -1.01 -33.24 7.13
C GLU A 264 -1.71 -34.46 6.53
N LYS A 265 -3.05 -34.44 6.47
CA LYS A 265 -3.84 -35.58 5.98
C LYS A 265 -4.13 -35.46 4.47
N MET A 266 -3.73 -34.32 3.86
CA MET A 266 -4.01 -34.11 2.42
C MET A 266 -3.49 -35.19 1.45
N GLY A 267 -4.37 -35.60 0.54
CA GLY A 267 -4.11 -36.65 -0.45
C GLY A 267 -4.23 -36.13 -1.87
N GLY A 268 -4.75 -36.96 -2.77
CA GLY A 268 -4.83 -36.60 -4.18
C GLY A 268 -3.45 -36.39 -4.78
N SER A 269 -3.32 -35.36 -5.62
CA SER A 269 -2.08 -35.13 -6.39
C SER A 269 -0.94 -34.60 -5.54
N ALA A 270 0.28 -35.05 -5.86
CA ALA A 270 1.52 -34.49 -5.32
C ALA A 270 1.67 -32.98 -5.71
N PRO A 271 2.44 -32.18 -4.92
CA PRO A 271 2.72 -30.80 -5.40
C PRO A 271 3.44 -30.86 -6.77
N PRO A 272 3.11 -29.95 -7.70
CA PRO A 272 3.71 -30.06 -9.05
C PRO A 272 5.23 -29.87 -9.09
N ASP A 273 5.76 -29.15 -8.10
CA ASP A 273 7.21 -28.88 -8.02
C ASP A 273 7.56 -28.22 -6.68
N SER A 274 8.86 -28.01 -6.45
CA SER A 274 9.36 -27.51 -5.17
C SER A 274 8.83 -26.12 -4.78
N SER A 275 8.47 -25.29 -5.77
CA SER A 275 7.96 -23.93 -5.52
C SER A 275 6.57 -23.94 -4.84
N TRP A 276 5.96 -25.13 -4.76
CA TRP A 276 4.70 -25.32 -4.08
C TRP A 276 4.86 -25.81 -2.63
N ARG A 277 6.06 -26.23 -2.25
N ARG A 277 6.07 -26.22 -2.25
CA ARG A 277 6.37 -26.69 -0.90
CA ARG A 277 6.35 -26.71 -0.90
C ARG A 277 6.86 -25.57 0.03
C ARG A 277 6.86 -25.60 0.04
N GLY A 278 6.16 -25.41 1.15
CA GLY A 278 6.62 -24.63 2.29
C GLY A 278 7.58 -25.45 3.17
N SER A 279 7.66 -25.06 4.45
CA SER A 279 8.66 -25.58 5.40
C SER A 279 8.10 -26.53 6.45
N LEU A 280 6.78 -26.69 6.47
CA LEU A 280 6.15 -27.63 7.39
C LEU A 280 6.47 -29.05 6.99
N LYS A 281 6.44 -29.95 7.97
CA LYS A 281 6.68 -31.38 7.77
C LYS A 281 5.40 -32.07 7.29
N VAL A 282 4.95 -31.66 6.10
CA VAL A 282 3.77 -32.22 5.42
C VAL A 282 4.12 -32.39 3.92
N PRO A 283 3.37 -33.21 3.17
CA PRO A 283 3.78 -33.38 1.75
C PRO A 283 3.42 -32.23 0.80
N TYR A 284 2.58 -31.30 1.25
CA TYR A 284 2.01 -30.27 0.38
C TYR A 284 1.25 -30.84 -0.83
N ASN A 285 0.57 -31.98 -0.60
CA ASN A 285 -0.37 -32.51 -1.60
C ASN A 285 -1.46 -31.49 -1.93
N VAL A 286 -1.82 -31.42 -3.20
CA VAL A 286 -2.81 -30.49 -3.70
C VAL A 286 -4.27 -30.90 -3.39
N GLY A 287 -4.50 -32.21 -3.33
CA GLY A 287 -5.85 -32.71 -3.08
C GLY A 287 -6.51 -33.04 -4.41
N PRO A 288 -7.84 -32.96 -4.50
CA PRO A 288 -8.73 -32.61 -3.40
C PRO A 288 -8.85 -33.71 -2.31
N GLY A 289 -9.13 -33.24 -1.09
CA GLY A 289 -9.41 -34.13 0.04
C GLY A 289 -8.21 -34.81 0.67
N PHE A 290 -8.52 -35.72 1.57
CA PHE A 290 -7.55 -36.39 2.44
C PHE A 290 -7.20 -37.77 1.92
N THR A 291 -6.10 -38.33 2.41
CA THR A 291 -5.66 -39.68 2.01
C THR A 291 -6.66 -40.75 2.45
N GLY A 292 -6.51 -41.94 1.86
CA GLY A 292 -7.37 -43.12 2.06
C GLY A 292 -8.08 -43.22 3.40
N ASN A 293 -7.31 -43.29 4.49
CA ASN A 293 -7.86 -43.51 5.84
C ASN A 293 -8.78 -42.39 6.36
N PHE A 294 -8.54 -41.19 5.86
CA PHE A 294 -9.25 -40.00 6.34
C PHE A 294 -10.16 -39.40 5.28
N SER A 295 -10.38 -40.14 4.19
CA SER A 295 -11.10 -39.67 3.02
C SER A 295 -12.56 -39.27 3.27
N THR A 296 -13.17 -39.86 4.34
CA THR A 296 -14.60 -39.53 4.67
C THR A 296 -14.71 -38.27 5.53
N GLN A 297 -13.59 -37.84 6.08
CA GLN A 297 -13.53 -36.56 6.83
C GLN A 297 -13.60 -35.33 5.93
N LYS A 298 -14.09 -34.23 6.48
CA LYS A 298 -14.21 -33.00 5.71
C LYS A 298 -13.77 -31.83 6.58
N VAL A 299 -13.59 -30.68 5.92
CA VAL A 299 -13.28 -29.39 6.57
C VAL A 299 -14.53 -28.53 6.57
N LYS A 300 -14.80 -27.91 7.71
CA LYS A 300 -15.96 -27.06 7.93
C LYS A 300 -15.50 -25.70 8.52
N MET A 301 -15.97 -24.61 7.92
CA MET A 301 -15.62 -23.23 8.39
C MET A 301 -16.85 -22.82 9.20
N HIS A 302 -16.69 -21.96 10.20
CA HIS A 302 -17.81 -21.37 10.90
C HIS A 302 -17.48 -19.87 10.99
N ILE A 303 -18.08 -19.06 10.11
CA ILE A 303 -17.81 -17.60 10.10
C ILE A 303 -19.09 -16.83 10.40
N HIS A 304 -19.01 -15.96 11.41
CA HIS A 304 -20.18 -15.24 11.93
C HIS A 304 -19.95 -13.73 12.07
N SER A 305 -18.90 -13.28 11.40
CA SER A 305 -18.56 -11.85 11.40
C SER A 305 -19.69 -11.05 10.78
N THR A 306 -19.80 -9.75 11.13
CA THR A 306 -20.83 -8.91 10.55
C THR A 306 -20.26 -7.63 10.01
N ASN A 307 -20.84 -7.16 8.90
CA ASN A 307 -20.49 -5.84 8.37
C ASN A 307 -21.41 -4.80 9.00
N GLU A 308 -20.86 -3.66 9.40
CA GLU A 308 -21.64 -2.68 10.14
C GLU A 308 -21.16 -1.29 9.73
N VAL A 309 -22.07 -0.40 9.39
CA VAL A 309 -21.72 1.01 9.14
C VAL A 309 -21.31 1.62 10.49
N THR A 310 -20.12 2.27 10.51
CA THR A 310 -19.49 2.65 11.79
C THR A 310 -18.78 3.98 11.54
N ARG A 311 -18.79 4.83 12.56
CA ARG A 311 -18.14 6.17 12.40
C ARG A 311 -16.62 6.06 12.55
N ILE A 312 -15.90 6.80 11.69
CA ILE A 312 -14.43 6.82 11.71
C ILE A 312 -14.03 8.30 11.74
N TYR A 313 -12.79 8.57 12.20
CA TYR A 313 -12.37 9.99 12.42
C TYR A 313 -10.95 10.23 11.88
N ASN A 314 -10.79 11.11 10.90
CA ASN A 314 -9.46 11.57 10.48
C ASN A 314 -9.11 12.84 11.27
N VAL A 315 -7.87 12.94 11.71
CA VAL A 315 -7.41 14.26 12.24
C VAL A 315 -6.72 15.03 11.10
N ILE A 316 -7.13 16.29 10.87
CA ILE A 316 -6.55 17.07 9.76
C ILE A 316 -5.94 18.35 10.38
N GLY A 317 -4.62 18.48 10.31
CA GLY A 317 -3.94 19.72 10.86
C GLY A 317 -3.43 20.58 9.73
N THR A 318 -3.53 21.90 9.90
CA THR A 318 -3.10 22.87 8.86
C THR A 318 -2.02 23.80 9.41
N LEU A 319 -0.98 23.87 8.61
CA LEU A 319 0.03 24.95 8.83
C LEU A 319 -0.03 25.83 7.60
N ARG A 320 -0.64 27.02 7.75
CA ARG A 320 -0.92 27.88 6.58
C ARG A 320 0.36 28.40 5.95
N GLY A 321 0.49 28.39 4.63
CA GLY A 321 1.64 29.00 3.90
C GLY A 321 1.71 30.52 3.97
N ALA A 322 2.92 31.03 4.03
CA ALA A 322 3.14 32.51 4.00
C ALA A 322 2.93 33.21 2.66
N VAL A 323 3.30 32.53 1.59
CA VAL A 323 3.25 33.10 0.23
C VAL A 323 2.22 32.36 -0.68
N GLU A 324 2.13 31.00 -0.69
CA GLU A 324 1.17 30.23 -1.52
C GLU A 324 0.35 29.38 -0.58
N PRO A 325 -0.59 29.99 0.17
CA PRO A 325 -1.40 29.26 1.14
C PRO A 325 -2.39 28.40 0.34
N ASP A 326 -2.60 28.69 -0.95
CA ASP A 326 -3.49 27.80 -1.80
C ASP A 326 -2.76 26.70 -2.59
N ARG A 327 -1.66 26.24 -2.05
CA ARG A 327 -0.83 25.11 -2.53
C ARG A 327 -0.62 24.23 -1.37
N TYR A 328 -1.03 22.95 -1.52
CA TYR A 328 -0.98 22.01 -0.39
C TYR A 328 0.06 20.92 -0.55
N VAL A 329 0.88 20.76 0.48
CA VAL A 329 1.84 19.65 0.58
C VAL A 329 1.33 18.83 1.76
N ILE A 330 0.99 17.52 1.49
CA ILE A 330 0.33 16.76 2.52
C ILE A 330 1.23 15.66 3.04
N LEU A 331 1.28 15.54 4.35
CA LEU A 331 1.97 14.40 4.99
C LEU A 331 0.90 13.63 5.73
N GLY A 332 0.63 12.39 5.29
CA GLY A 332 -0.55 11.66 5.86
C GLY A 332 -0.13 10.24 6.19
N GLY A 333 -0.63 9.70 7.29
CA GLY A 333 -0.47 8.25 7.59
C GLY A 333 -1.58 7.88 8.51
N HIS A 334 -1.82 6.58 8.62
CA HIS A 334 -2.97 6.21 9.41
C HIS A 334 -2.68 5.94 10.88
N ARG A 335 -3.78 5.81 11.67
CA ARG A 335 -3.73 5.74 13.11
C ARG A 335 -4.35 4.45 13.61
N ASP A 336 -5.34 3.99 12.84
CA ASP A 336 -5.99 2.69 13.25
C ASP A 336 -5.06 1.51 13.11
N SER A 337 -5.20 0.54 14.00
CA SER A 337 -4.34 -0.63 13.97
C SER A 337 -5.20 -1.91 14.09
N TRP A 338 -4.61 -3.03 13.73
CA TRP A 338 -5.34 -4.33 13.98
C TRP A 338 -5.38 -4.63 15.47
N VAL A 339 -4.23 -4.55 16.15
CA VAL A 339 -4.17 -4.71 17.61
C VAL A 339 -3.33 -3.53 18.15
N PHE A 340 -2.11 -3.78 18.60
CA PHE A 340 -1.29 -2.68 19.21
C PHE A 340 -0.61 -1.78 18.21
N GLY A 341 -0.43 -2.28 16.98
CA GLY A 341 0.16 -1.44 15.90
C GLY A 341 1.62 -1.01 16.19
N GLY A 342 2.39 -1.84 16.89
CA GLY A 342 3.80 -1.49 17.28
C GLY A 342 4.62 -1.07 16.10
N ILE A 343 4.50 -1.76 14.96
CA ILE A 343 5.09 -1.26 13.72
C ILE A 343 4.02 -0.55 12.89
N ASP A 344 2.94 -1.28 12.54
CA ASP A 344 1.96 -0.80 11.61
C ASP A 344 0.70 -0.37 12.37
N PRO A 345 0.40 0.93 12.51
CA PRO A 345 1.08 2.08 11.82
C PRO A 345 1.91 2.91 12.80
N GLN A 346 1.99 2.55 14.07
CA GLN A 346 2.37 3.59 15.09
C GLN A 346 3.85 3.97 14.95
N SER A 347 4.68 3.11 14.38
CA SER A 347 6.08 3.48 14.06
C SER A 347 6.12 4.64 13.04
N GLY A 348 5.12 4.71 12.15
CA GLY A 348 4.95 5.87 11.26
C GLY A 348 4.27 7.04 11.95
N ALA A 349 3.20 6.79 12.69
CA ALA A 349 2.43 7.87 13.34
C ALA A 349 3.30 8.61 14.36
N ALA A 350 4.17 7.89 15.06
CA ALA A 350 5.12 8.56 16.03
C ALA A 350 6.06 9.47 15.29
N VAL A 351 6.44 9.09 14.08
CA VAL A 351 7.35 9.91 13.23
C VAL A 351 6.61 11.16 12.77
N VAL A 352 5.35 11.01 12.32
CA VAL A 352 4.53 12.16 11.92
C VAL A 352 4.40 13.13 13.10
N HIS A 353 4.13 12.59 14.28
CA HIS A 353 3.91 13.37 15.51
C HIS A 353 5.14 14.25 15.80
N GLU A 354 6.31 13.66 15.68
CA GLU A 354 7.58 14.39 15.91
C GLU A 354 7.85 15.44 14.82
N ILE A 355 7.51 15.13 13.59
CA ILE A 355 7.54 16.06 12.46
C ILE A 355 6.66 17.29 12.69
N VAL A 356 5.42 17.07 13.12
CA VAL A 356 4.48 18.16 13.44
C VAL A 356 5.13 19.01 14.55
N ARG A 357 5.64 18.35 15.59
CA ARG A 357 6.24 19.07 16.74
C ARG A 357 7.39 19.97 16.28
N SER A 358 8.28 19.44 15.44
CA SER A 358 9.39 20.21 14.87
C SER A 358 8.94 21.37 14.02
N PHE A 359 8.02 21.19 13.08
CA PHE A 359 7.47 22.33 12.33
C PHE A 359 6.84 23.38 13.27
N GLY A 360 6.14 22.92 14.31
CA GLY A 360 5.44 23.77 15.25
C GLY A 360 6.44 24.62 16.06
N THR A 361 7.59 24.05 16.35
CA THR A 361 8.67 24.81 17.06
C THR A 361 9.15 25.98 16.18
N LEU A 362 9.37 25.71 14.89
CA LEU A 362 9.74 26.78 13.97
C LEU A 362 8.65 27.80 13.87
N LYS A 363 7.40 27.38 13.74
CA LYS A 363 6.30 28.33 13.67
C LYS A 363 6.18 29.24 14.90
N LYS A 364 6.42 28.69 16.09
CA LYS A 364 6.37 29.49 17.32
C LYS A 364 7.46 30.58 17.37
N GLU A 365 8.52 30.37 16.60
CA GLU A 365 9.61 31.37 16.49
C GLU A 365 9.38 32.38 15.36
N GLY A 366 8.23 32.32 14.70
CA GLY A 366 7.84 33.26 13.65
C GLY A 366 7.99 32.79 12.22
N TRP A 367 8.45 31.55 12.04
CA TRP A 367 8.56 30.98 10.68
C TRP A 367 7.24 30.41 10.14
N ARG A 368 7.04 30.53 8.85
CA ARG A 368 6.00 29.71 8.14
C ARG A 368 6.58 29.17 6.85
N PRO A 369 6.12 28.02 6.40
CA PRO A 369 6.58 27.50 5.14
C PRO A 369 6.03 28.36 4.02
N ARG A 370 6.64 28.30 2.84
CA ARG A 370 6.11 29.04 1.69
C ARG A 370 4.64 28.62 1.30
N ARG A 371 4.40 27.31 1.17
CA ARG A 371 3.07 26.61 0.84
C ARG A 371 2.48 26.10 2.12
N THR A 372 1.18 25.88 2.07
CA THR A 372 0.48 25.24 3.16
C THR A 372 0.92 23.78 3.30
N ILE A 373 1.09 23.35 4.54
CA ILE A 373 1.31 21.94 4.84
C ILE A 373 0.10 21.46 5.57
N LEU A 374 -0.49 20.34 5.02
CA LEU A 374 -1.57 19.59 5.75
C LEU A 374 -0.97 18.30 6.32
N PHE A 375 -1.34 18.02 7.56
CA PHE A 375 -0.94 16.81 8.29
C PHE A 375 -2.19 15.98 8.53
N ALA A 376 -2.13 14.67 8.21
CA ALA A 376 -3.34 13.83 8.41
C ALA A 376 -3.03 12.58 9.20
N SER A 377 -3.91 12.29 10.17
CA SER A 377 -3.95 11.04 10.90
C SER A 377 -5.21 10.30 10.39
N TRP A 378 -5.01 9.37 9.44
CA TRP A 378 -6.19 8.70 8.77
C TRP A 378 -6.72 7.59 9.64
N ASP A 379 -8.04 7.39 9.54
CA ASP A 379 -8.69 6.24 10.17
C ASP A 379 -9.04 5.17 9.12
N ALA A 380 -9.27 3.99 9.66
CA ALA A 380 -9.80 2.87 8.82
C ALA A 380 -8.97 2.50 7.60
N GLU A 381 -7.66 2.69 7.67
CA GLU A 381 -6.85 2.29 6.54
C GLU A 381 -6.87 0.77 6.46
N GLU A 382 -6.93 0.11 7.60
CA GLU A 382 -6.77 -1.36 7.61
C GLU A 382 -8.02 -1.97 6.99
N PHE A 383 -9.09 -1.21 6.87
CA PHE A 383 -10.38 -1.76 6.33
C PHE A 383 -10.55 -1.35 4.89
N GLY A 384 -9.47 -0.82 4.22
CA GLY A 384 -9.55 -0.52 2.78
C GLY A 384 -9.27 0.93 2.42
N LEU A 385 -8.37 1.54 3.18
CA LEU A 385 -7.94 2.97 2.85
C LEU A 385 -9.15 3.90 2.99
N LEU A 386 -10.03 3.62 3.97
CA LEU A 386 -11.38 4.21 3.95
C LEU A 386 -11.32 5.69 4.37
N GLY A 387 -10.57 6.00 5.43
CA GLY A 387 -10.52 7.45 5.91
C GLY A 387 -9.86 8.38 4.90
N SER A 388 -8.72 7.98 4.33
CA SER A 388 -8.03 8.83 3.31
C SER A 388 -8.88 9.02 2.09
N THR A 389 -9.53 7.90 1.65
CA THR A 389 -10.29 8.01 0.41
C THR A 389 -11.59 8.80 0.59
N GLU A 390 -12.31 8.62 1.72
CA GLU A 390 -13.54 9.41 1.90
C GLU A 390 -13.17 10.92 2.00
N TRP A 391 -12.08 11.25 2.71
CA TRP A 391 -11.70 12.67 2.80
C TRP A 391 -11.30 13.21 1.45
N ALA A 392 -10.55 12.42 0.68
CA ALA A 392 -10.22 12.86 -0.68
C ALA A 392 -11.45 13.03 -1.56
N GLU A 393 -12.43 12.10 -1.42
CA GLU A 393 -13.63 12.32 -2.19
C GLU A 393 -14.37 13.60 -1.77
N GLU A 394 -14.37 13.91 -0.47
CA GLU A 394 -15.06 15.10 -0.01
C GLU A 394 -14.32 16.36 -0.57
N ASN A 395 -13.01 16.29 -0.63
CA ASN A 395 -12.19 17.51 -0.95
C ASN A 395 -11.54 17.45 -2.31
N SER A 396 -12.05 16.60 -3.23
CA SER A 396 -11.37 16.29 -4.49
C SER A 396 -11.11 17.63 -5.28
N ARG A 397 -12.09 18.52 -5.35
CA ARG A 397 -11.87 19.81 -6.08
C ARG A 397 -10.73 20.67 -5.56
N LEU A 398 -10.62 20.68 -4.27
CA LEU A 398 -9.49 21.52 -3.66
C LEU A 398 -8.20 20.76 -4.00
N LEU A 399 -8.17 19.43 -3.83
CA LEU A 399 -6.95 18.70 -4.02
C LEU A 399 -6.53 18.71 -5.47
N GLN A 400 -7.47 18.56 -6.42
CA GLN A 400 -6.99 18.50 -7.75
C GLN A 400 -6.46 19.86 -8.26
N GLU A 401 -7.01 20.96 -7.73
CA GLU A 401 -6.48 22.27 -8.24
C GLU A 401 -5.30 22.87 -7.40
N ARG A 402 -5.06 22.32 -6.19
CA ARG A 402 -4.11 22.99 -5.23
C ARG A 402 -3.08 21.97 -4.72
N GLY A 403 -3.27 20.65 -4.97
CA GLY A 403 -2.41 19.65 -4.38
C GLY A 403 -1.05 19.52 -5.05
N VAL A 404 0.00 19.90 -4.33
CA VAL A 404 1.32 19.75 -4.84
C VAL A 404 1.82 18.30 -4.74
N ALA A 405 1.74 17.71 -3.55
CA ALA A 405 2.39 16.43 -3.30
C ALA A 405 1.81 15.83 -2.06
N TYR A 406 1.82 14.48 -2.05
CA TYR A 406 1.40 13.68 -0.90
C TYR A 406 2.57 12.76 -0.50
N ILE A 407 2.97 12.80 0.79
CA ILE A 407 4.01 11.96 1.32
C ILE A 407 3.34 11.07 2.34
N ASN A 408 3.33 9.73 2.09
CA ASN A 408 2.73 8.82 3.05
C ASN A 408 3.57 8.59 4.28
N ALA A 409 2.95 8.13 5.36
CA ALA A 409 3.69 7.89 6.58
C ALA A 409 3.09 6.77 7.40
N ASP A 410 3.02 5.59 6.77
CA ASP A 410 2.74 4.36 7.56
C ASP A 410 4.05 3.85 8.13
N SER A 411 4.15 2.56 8.43
CA SER A 411 5.28 1.97 9.14
C SER A 411 6.62 2.56 8.73
N SER A 412 7.39 2.97 9.75
CA SER A 412 8.73 3.50 9.46
C SER A 412 9.80 2.48 9.22
N ILE A 413 9.54 1.26 9.65
CA ILE A 413 10.48 0.18 9.54
C ILE A 413 9.69 -1.07 9.05
N GLU A 414 10.30 -1.79 8.13
CA GLU A 414 9.92 -3.20 7.85
C GLU A 414 11.18 -4.11 7.96
N GLY A 415 12.26 -3.50 8.44
CA GLY A 415 13.55 -4.13 8.63
C GLY A 415 14.49 -3.03 9.09
N ASN A 416 15.78 -3.38 9.22
CA ASN A 416 16.76 -2.35 9.71
C ASN A 416 18.06 -2.33 8.93
N TYR A 417 17.97 -2.69 7.66
CA TYR A 417 19.16 -2.88 6.82
C TYR A 417 19.46 -1.60 6.04
N THR A 418 18.49 -1.06 5.29
CA THR A 418 18.75 0.13 4.48
C THR A 418 17.42 0.86 4.19
N LEU A 419 17.51 1.95 3.44
CA LEU A 419 16.34 2.76 3.06
C LEU A 419 15.54 2.10 1.94
N ARG A 420 14.21 2.23 1.99
CA ARG A 420 13.34 1.94 0.84
C ARG A 420 12.59 3.21 0.50
N VAL A 421 12.55 3.54 -0.81
CA VAL A 421 11.74 4.66 -1.31
C VAL A 421 10.96 4.17 -2.50
N ASP A 422 9.66 4.45 -2.48
CA ASP A 422 8.85 4.25 -3.66
C ASP A 422 8.17 5.59 -3.93
N CYS A 423 8.26 6.09 -5.15
CA CYS A 423 7.64 7.39 -5.44
C CYS A 423 7.55 7.65 -6.92
N THR A 424 6.81 8.71 -7.26
CA THR A 424 6.80 9.23 -8.61
C THR A 424 8.20 9.61 -9.13
N PRO A 425 8.48 9.42 -10.43
CA PRO A 425 9.80 9.89 -10.99
C PRO A 425 9.96 11.35 -10.73
N LEU A 426 8.86 12.11 -10.56
CA LEU A 426 9.03 13.58 -10.31
C LEU A 426 9.79 13.89 -9.04
N MET A 427 9.88 12.93 -8.12
CA MET A 427 10.58 13.11 -6.85
C MET A 427 11.93 12.42 -6.77
N TYR A 428 12.40 11.79 -7.87
CA TYR A 428 13.73 11.12 -7.80
C TYR A 428 14.89 12.05 -7.40
N SER A 429 14.94 13.20 -8.06
CA SER A 429 16.04 14.15 -7.84
C SER A 429 15.97 14.71 -6.45
N LEU A 430 14.80 15.16 -6.00
CA LEU A 430 14.57 15.52 -4.60
C LEU A 430 15.13 14.49 -3.63
N VAL A 431 14.73 13.22 -3.80
CA VAL A 431 15.19 12.18 -2.89
C VAL A 431 16.70 11.98 -2.91
N HIS A 432 17.29 11.90 -4.12
CA HIS A 432 18.76 11.79 -4.23
C HIS A 432 19.47 12.95 -3.52
N ASN A 433 18.99 14.16 -3.80
CA ASN A 433 19.65 15.35 -3.19
C ASN A 433 19.49 15.40 -1.66
N LEU A 434 18.29 15.12 -1.17
CA LEU A 434 18.05 15.13 0.27
C LEU A 434 18.89 14.08 1.02
N THR A 435 18.92 12.86 0.51
CA THR A 435 19.69 11.78 1.17
C THR A 435 21.22 12.02 1.14
N LYS A 436 21.71 12.87 0.22
CA LYS A 436 23.13 13.16 0.17
C LYS A 436 23.51 14.11 1.31
N GLU A 437 22.53 14.81 1.86
CA GLU A 437 22.72 15.79 2.96
C GLU A 437 22.37 15.20 4.32
N LEU A 438 21.89 13.96 4.37
CA LEU A 438 21.55 13.33 5.65
C LEU A 438 22.62 12.34 6.07
N LYS A 439 22.76 12.13 7.37
CA LYS A 439 23.77 11.20 7.90
C LYS A 439 23.26 9.78 7.85
N SER A 440 24.11 8.84 7.46
CA SER A 440 23.67 7.42 7.49
C SER A 440 23.63 6.96 8.95
N PRO A 441 22.60 6.21 9.33
CA PRO A 441 22.58 5.67 10.69
C PRO A 441 23.22 4.26 10.77
N ASP A 442 23.67 3.73 9.64
CA ASP A 442 24.11 2.32 9.54
C ASP A 442 25.50 2.09 10.16
N GLU A 443 25.65 0.97 10.86
CA GLU A 443 26.94 0.50 11.33
C GLU A 443 27.88 0.34 10.12
N GLY A 444 29.12 0.81 10.26
CA GLY A 444 30.07 0.75 9.15
C GLY A 444 30.04 1.97 8.22
N PHE A 445 29.03 2.82 8.37
CA PHE A 445 28.88 4.00 7.52
C PHE A 445 28.90 5.28 8.35
N GLU A 446 29.58 5.24 9.51
CA GLU A 446 29.67 6.39 10.41
C GLU A 446 30.37 7.50 9.64
N GLY A 447 29.75 8.68 9.65
CA GLY A 447 30.30 9.84 8.94
C GLY A 447 30.04 9.84 7.45
N LYS A 448 29.34 8.83 6.94
CA LYS A 448 28.92 8.81 5.52
C LYS A 448 27.47 9.29 5.38
N SER A 449 27.10 9.74 4.17
CA SER A 449 25.72 10.12 3.84
C SER A 449 24.78 8.93 3.81
N LEU A 450 23.53 9.22 4.08
CA LEU A 450 22.47 8.22 3.81
C LEU A 450 22.49 7.78 2.33
N TYR A 451 22.69 8.72 1.40
CA TYR A 451 22.79 8.35 -0.02
C TYR A 451 23.86 7.27 -0.25
N GLU A 452 25.02 7.41 0.38
CA GLU A 452 26.12 6.47 0.21
C GLU A 452 25.75 5.06 0.71
N SER A 453 25.22 4.95 1.93
CA SER A 453 24.92 3.64 2.50
C SER A 453 23.78 2.98 1.72
N TRP A 454 22.76 3.76 1.35
CA TRP A 454 21.58 3.27 0.62
C TRP A 454 22.01 2.77 -0.77
N THR A 455 22.87 3.52 -1.45
CA THR A 455 23.28 3.16 -2.79
C THR A 455 24.16 1.90 -2.75
N LYS A 456 25.06 1.83 -1.77
CA LYS A 456 25.88 0.63 -1.60
C LYS A 456 25.02 -0.61 -1.31
N LYS A 457 24.07 -0.48 -0.41
CA LYS A 457 23.26 -1.63 0.02
C LYS A 457 22.14 -2.00 -0.94
N SER A 458 21.63 -1.02 -1.68
CA SER A 458 20.49 -1.25 -2.55
C SER A 458 20.71 -0.58 -3.93
N PRO A 459 21.67 -1.12 -4.73
CA PRO A 459 21.96 -0.51 -6.03
C PRO A 459 20.76 -0.56 -6.97
N SER A 460 20.56 0.52 -7.71
CA SER A 460 19.63 0.54 -8.85
C SER A 460 19.93 -0.64 -9.79
N PRO A 461 18.89 -1.36 -10.25
CA PRO A 461 19.14 -2.37 -11.28
C PRO A 461 19.54 -1.78 -12.65
N GLU A 462 19.33 -0.47 -12.83
N GLU A 462 19.32 -0.47 -12.81
CA GLU A 462 19.61 0.20 -14.11
CA GLU A 462 19.52 0.26 -14.07
C GLU A 462 20.96 0.93 -14.12
C GLU A 462 20.85 1.03 -14.16
N PHE A 463 21.20 1.77 -13.10
CA PHE A 463 22.32 2.73 -13.15
C PHE A 463 23.37 2.58 -12.06
N SER A 464 24.62 2.59 -12.47
CA SER A 464 25.78 2.58 -11.57
C SER A 464 25.79 3.80 -10.67
N GLY A 465 26.03 3.57 -9.37
CA GLY A 465 26.21 4.65 -8.41
C GLY A 465 24.93 5.40 -8.07
N MET A 466 23.78 4.81 -8.44
CA MET A 466 22.41 5.26 -8.06
C MET A 466 21.70 4.19 -7.21
N PRO A 467 20.86 4.61 -6.26
CA PRO A 467 20.08 3.67 -5.46
C PRO A 467 18.78 3.21 -6.14
N ARG A 468 18.25 2.09 -5.68
CA ARG A 468 16.94 1.65 -6.16
C ARG A 468 15.81 2.54 -5.62
N ILE A 469 14.96 3.03 -6.52
CA ILE A 469 13.66 3.59 -6.13
C ILE A 469 12.58 2.80 -6.89
N SER A 470 11.58 2.26 -6.18
CA SER A 470 10.50 1.48 -6.81
C SER A 470 9.37 2.37 -7.23
N LYS A 471 8.54 1.86 -8.15
N LYS A 471 8.55 1.91 -8.16
CA LYS A 471 7.23 2.42 -8.49
CA LYS A 471 7.31 2.59 -8.47
C LYS A 471 6.36 2.34 -7.24
C LYS A 471 6.36 2.34 -7.30
N LEU A 472 5.42 3.25 -7.10
CA LEU A 472 4.41 3.10 -6.08
C LEU A 472 3.49 1.94 -6.55
N GLY A 473 3.19 1.08 -5.61
CA GLY A 473 2.10 0.06 -5.83
C GLY A 473 0.86 0.60 -5.17
N SER A 474 0.26 -0.19 -4.30
CA SER A 474 -0.88 0.24 -3.54
C SER A 474 -0.96 -0.53 -2.23
N GLY A 475 -2.15 -0.53 -1.60
CA GLY A 475 -2.28 -1.09 -0.29
C GLY A 475 -1.92 -0.09 0.81
N ASN A 476 -1.97 1.22 0.46
CA ASN A 476 -1.83 2.25 1.51
C ASN A 476 -2.48 3.57 1.09
N ASP A 477 -2.42 4.57 2.01
CA ASP A 477 -3.25 5.76 1.89
C ASP A 477 -2.91 6.77 0.78
N PHE A 478 -1.79 6.56 0.12
CA PHE A 478 -1.50 7.37 -1.07
C PHE A 478 -2.35 7.00 -2.29
N GLU A 479 -3.05 5.83 -2.26
CA GLU A 479 -3.75 5.37 -3.51
C GLU A 479 -4.73 6.41 -4.09
N VAL A 480 -5.56 7.03 -3.24
CA VAL A 480 -6.52 7.96 -3.79
C VAL A 480 -5.75 9.21 -4.35
N PHE A 481 -4.72 9.65 -3.62
CA PHE A 481 -4.03 10.86 -4.10
C PHE A 481 -3.31 10.67 -5.38
N PHE A 482 -2.64 9.53 -5.55
CA PHE A 482 -1.81 9.26 -6.73
C PHE A 482 -2.61 8.65 -7.92
N GLN A 483 -3.20 7.43 -7.72
CA GLN A 483 -3.83 6.78 -8.88
C GLN A 483 -5.24 7.31 -9.20
N ARG A 484 -5.98 7.86 -8.21
CA ARG A 484 -7.24 8.54 -8.58
C ARG A 484 -7.05 10.03 -8.99
N LEU A 485 -6.34 10.81 -8.12
CA LEU A 485 -6.34 12.28 -8.34
C LEU A 485 -5.10 12.80 -9.10
N GLY A 486 -4.04 12.01 -9.22
CA GLY A 486 -2.82 12.41 -10.01
C GLY A 486 -2.00 13.47 -9.27
N ILE A 487 -1.87 13.33 -7.98
CA ILE A 487 -1.00 14.23 -7.14
C ILE A 487 0.29 13.47 -6.93
N ALA A 488 1.44 14.11 -7.23
CA ALA A 488 2.73 13.50 -7.07
C ALA A 488 2.86 12.93 -5.65
N SER A 489 3.26 11.64 -5.52
CA SER A 489 3.23 10.99 -4.21
C SER A 489 4.52 10.18 -3.99
N GLY A 490 4.84 9.97 -2.71
CA GLY A 490 6.01 9.17 -2.35
C GLY A 490 5.88 8.57 -0.95
N ARG A 491 6.73 7.57 -0.66
CA ARG A 491 6.82 6.98 0.64
C ARG A 491 8.26 6.56 0.89
N ALA A 492 8.64 6.45 2.18
CA ALA A 492 10.02 6.03 2.52
C ALA A 492 9.99 5.35 3.87
N ARG A 493 10.83 4.32 4.04
CA ARG A 493 10.94 3.61 5.34
C ARG A 493 12.25 2.85 5.32
N TYR A 494 12.65 2.33 6.48
CA TYR A 494 13.74 1.38 6.54
C TYR A 494 13.22 -0.03 6.21
N THR A 495 14.08 -0.80 5.56
CA THR A 495 13.67 -2.16 5.05
C THR A 495 14.74 -3.22 5.30
N LYS A 496 14.43 -4.46 4.92
CA LYS A 496 15.30 -5.62 5.11
C LYS A 496 16.34 -5.69 3.99
N ASN A 497 17.24 -6.66 4.12
CA ASN A 497 18.21 -7.00 3.08
C ASN A 497 17.49 -7.91 2.11
N TRP A 498 17.24 -7.36 0.94
CA TRP A 498 16.50 -8.02 -0.11
C TRP A 498 17.22 -9.19 -0.75
N GLU A 499 18.55 -9.21 -0.66
CA GLU A 499 19.33 -10.31 -1.21
C GLU A 499 19.15 -11.57 -0.36
N THR A 500 19.33 -11.41 0.95
CA THR A 500 19.45 -12.52 1.87
C THR A 500 18.14 -12.93 2.53
N ASN A 501 17.20 -12.00 2.66
CA ASN A 501 15.93 -12.29 3.37
C ASN A 501 14.77 -12.61 2.44
N LYS A 502 14.50 -13.90 2.31
CA LYS A 502 13.48 -14.45 1.42
C LYS A 502 12.01 -14.36 1.95
N PHE A 503 11.84 -14.01 3.22
CA PHE A 503 10.49 -13.90 3.82
C PHE A 503 9.67 -12.70 3.28
N SER A 504 8.34 -12.74 3.46
CA SER A 504 7.41 -11.70 3.00
C SER A 504 7.22 -10.60 4.08
N GLY A 505 7.51 -9.34 3.75
CA GLY A 505 7.34 -8.28 4.75
C GLY A 505 8.11 -8.56 6.02
N TYR A 506 7.52 -8.27 7.17
CA TYR A 506 8.12 -8.70 8.42
C TYR A 506 7.24 -9.78 9.07
N PRO A 507 7.85 -10.71 9.81
CA PRO A 507 7.04 -11.92 10.22
C PRO A 507 5.81 -11.63 11.08
N LEU A 508 5.85 -10.59 11.91
CA LEU A 508 4.76 -10.34 12.88
C LEU A 508 3.67 -9.39 12.38
N TYR A 509 3.70 -9.12 11.09
CA TYR A 509 2.74 -8.27 10.41
C TYR A 509 1.27 -8.61 10.77
N HIS A 510 0.55 -7.65 11.34
CA HIS A 510 -0.90 -7.74 11.61
C HIS A 510 -1.24 -8.85 12.65
N SER A 511 -0.26 -9.20 13.47
CA SER A 511 -0.40 -10.08 14.62
C SER A 511 -0.45 -9.33 15.96
N VAL A 512 -1.01 -9.96 16.97
CA VAL A 512 -0.98 -9.44 18.34
C VAL A 512 0.46 -9.14 18.81
N TYR A 513 1.47 -9.77 18.20
CA TYR A 513 2.85 -9.71 18.71
C TYR A 513 3.55 -8.44 18.23
N GLU A 514 2.89 -7.67 17.37
CA GLU A 514 3.44 -6.43 16.83
C GLU A 514 3.30 -5.32 17.92
N THR A 515 4.31 -5.21 18.78
CA THR A 515 4.20 -4.39 20.01
C THR A 515 5.33 -3.33 20.07
N TYR A 516 5.22 -2.43 21.04
CA TYR A 516 6.35 -1.55 21.35
C TYR A 516 7.63 -2.36 21.63
N GLU A 517 7.53 -3.43 22.42
CA GLU A 517 8.70 -4.24 22.76
C GLU A 517 9.35 -4.84 21.54
N LEU A 518 8.55 -5.26 20.55
CA LEU A 518 9.12 -5.79 19.31
C LEU A 518 10.09 -4.78 18.70
N VAL A 519 9.61 -3.54 18.57
CA VAL A 519 10.43 -2.47 17.97
C VAL A 519 11.69 -2.14 18.83
N GLU A 520 11.46 -1.84 20.11
CA GLU A 520 12.53 -1.41 21.03
C GLU A 520 13.60 -2.48 21.25
N LYS A 521 13.19 -3.75 21.30
CA LYS A 521 14.15 -4.82 21.56
C LYS A 521 14.85 -5.32 20.28
N PHE A 522 14.08 -5.48 19.19
CA PHE A 522 14.59 -6.19 18.03
C PHE A 522 14.81 -5.41 16.75
N TYR A 523 14.09 -4.29 16.55
CA TYR A 523 14.23 -3.53 15.32
C TYR A 523 15.17 -2.33 15.45
N ASP A 524 14.93 -1.52 16.47
CA ASP A 524 15.56 -0.16 16.47
C ASP A 524 15.69 0.35 17.92
N PRO A 525 16.55 -0.31 18.73
CA PRO A 525 16.67 0.07 20.17
C PRO A 525 17.00 1.55 20.40
N MET A 526 17.80 2.12 19.49
N MET A 526 17.82 2.12 19.52
CA MET A 526 18.26 3.52 19.64
CA MET A 526 18.27 3.51 19.64
C MET A 526 17.35 4.51 18.91
C MET A 526 17.27 4.50 19.04
N PHE A 527 16.34 3.99 18.23
CA PHE A 527 15.41 4.82 17.45
C PHE A 527 16.10 5.65 16.37
N LYS A 528 17.30 5.21 16.00
CA LYS A 528 18.09 5.87 14.96
C LYS A 528 17.50 5.68 13.55
N TYR A 529 16.94 4.50 13.27
CA TYR A 529 16.32 4.31 11.96
C TYR A 529 15.03 5.11 11.86
N HIS A 530 14.24 5.14 12.94
CA HIS A 530 13.05 6.00 13.00
C HIS A 530 13.45 7.48 12.78
N LEU A 531 14.51 7.92 13.46
CA LEU A 531 14.94 9.29 13.24
C LEU A 531 15.32 9.57 11.77
N THR A 532 16.08 8.64 11.17
CA THR A 532 16.49 8.78 9.74
C THR A 532 15.24 8.88 8.84
N VAL A 533 14.25 8.01 9.09
CA VAL A 533 13.00 8.05 8.34
C VAL A 533 12.25 9.37 8.58
N ALA A 534 12.30 9.90 9.82
CA ALA A 534 11.67 11.21 10.07
C ALA A 534 12.38 12.32 9.29
N GLN A 535 13.71 12.22 9.21
CA GLN A 535 14.47 13.21 8.41
C GLN A 535 14.17 13.10 6.88
N VAL A 536 13.96 11.86 6.38
CA VAL A 536 13.65 11.70 4.96
C VAL A 536 12.23 12.22 4.71
N ARG A 537 11.24 11.73 5.46
CA ARG A 537 9.85 12.17 5.21
C ARG A 537 9.70 13.71 5.47
N GLY A 538 10.18 14.14 6.63
CA GLY A 538 10.10 15.57 7.02
C GLY A 538 10.86 16.44 6.04
N GLY A 539 12.04 16.01 5.62
CA GLY A 539 12.89 16.82 4.71
C GLY A 539 12.21 16.94 3.35
N MET A 540 11.55 15.88 2.89
CA MET A 540 10.86 15.93 1.61
C MET A 540 9.70 16.94 1.71
N VAL A 541 8.95 16.90 2.82
CA VAL A 541 7.83 17.83 3.06
C VAL A 541 8.35 19.25 3.16
N PHE A 542 9.43 19.42 3.90
CA PHE A 542 10.07 20.75 3.97
C PHE A 542 10.42 21.31 2.58
N GLU A 543 11.13 20.53 1.76
CA GLU A 543 11.55 21.01 0.39
C GLU A 543 10.36 21.27 -0.50
N LEU A 544 9.36 20.39 -0.42
CA LEU A 544 8.18 20.56 -1.25
C LEU A 544 7.41 21.82 -0.85
N ALA A 545 7.43 22.13 0.44
CA ALA A 545 6.59 23.24 0.93
C ALA A 545 7.39 24.55 0.93
N ASN A 546 8.70 24.53 0.72
CA ASN A 546 9.47 25.79 0.93
C ASN A 546 10.27 26.18 -0.23
N SER A 547 10.62 25.27 -1.12
CA SER A 547 11.44 25.57 -2.32
C SER A 547 10.73 26.56 -3.23
N ILE A 548 11.46 27.60 -3.69
CA ILE A 548 10.86 28.57 -4.55
C ILE A 548 10.25 27.91 -5.80
N VAL A 549 11.11 27.19 -6.50
CA VAL A 549 10.63 26.39 -7.63
C VAL A 549 10.34 25.02 -7.07
N LEU A 550 9.19 24.48 -7.43
CA LEU A 550 8.86 23.10 -6.97
C LEU A 550 10.00 22.09 -7.30
N PRO A 551 10.39 21.20 -6.35
CA PRO A 551 11.55 20.33 -6.55
C PRO A 551 11.17 19.03 -7.31
N PHE A 552 10.61 19.22 -8.49
CA PHE A 552 10.25 18.12 -9.42
C PHE A 552 11.08 18.23 -10.69
N ASP A 553 11.61 17.10 -11.15
CA ASP A 553 12.40 17.10 -12.38
C ASP A 553 11.67 16.28 -13.45
N CYS A 554 11.01 16.98 -14.37
CA CYS A 554 10.20 16.33 -15.43
C CYS A 554 11.04 15.40 -16.33
N ARG A 555 12.33 15.63 -16.43
CA ARG A 555 13.18 14.80 -17.27
C ARG A 555 13.30 13.36 -16.72
N ASP A 556 13.17 13.22 -15.42
CA ASP A 556 13.16 11.86 -14.83
C ASP A 556 11.94 11.06 -15.27
N TYR A 557 10.82 11.73 -15.51
CA TYR A 557 9.63 11.04 -16.04
C TYR A 557 9.94 10.56 -17.46
N ALA A 558 10.64 11.38 -18.24
CA ALA A 558 10.97 11.00 -19.61
C ALA A 558 11.77 9.70 -19.69
N VAL A 559 12.76 9.54 -18.81
CA VAL A 559 13.64 8.38 -18.80
C VAL A 559 12.80 7.13 -18.46
N VAL A 560 11.97 7.23 -17.44
CA VAL A 560 11.18 6.05 -17.03
C VAL A 560 10.11 5.67 -18.09
N LEU A 561 9.50 6.67 -18.72
CA LEU A 561 8.49 6.40 -19.77
C LEU A 561 9.09 5.54 -20.91
N ARG A 562 10.35 5.78 -21.24
CA ARG A 562 11.00 5.01 -22.30
C ARG A 562 11.24 3.58 -21.82
N LYS A 563 11.65 3.42 -20.57
CA LYS A 563 11.89 2.10 -19.95
C LYS A 563 10.54 1.34 -20.00
N TYR A 564 9.46 2.03 -19.61
CA TYR A 564 8.14 1.34 -19.57
C TYR A 564 7.66 1.02 -20.99
N ALA A 565 7.89 1.93 -21.94
CA ALA A 565 7.54 1.64 -23.32
C ALA A 565 8.32 0.43 -23.87
N ASP A 566 9.63 0.38 -23.62
CA ASP A 566 10.42 -0.80 -24.03
C ASP A 566 9.85 -2.11 -23.42
N LYS A 567 9.48 -2.04 -22.14
CA LYS A 567 8.98 -3.20 -21.41
C LYS A 567 7.65 -3.72 -22.04
N ILE A 568 6.71 -2.83 -22.26
CA ILE A 568 5.39 -3.25 -22.78
C ILE A 568 5.53 -3.75 -24.24
N TYR A 569 6.36 -3.08 -25.04
CA TYR A 569 6.64 -3.54 -26.38
C TYR A 569 7.23 -4.98 -26.36
N SER A 570 8.15 -5.23 -25.43
N SER A 570 8.14 -5.26 -25.44
CA SER A 570 8.78 -6.55 -25.31
CA SER A 570 8.77 -6.58 -25.37
C SER A 570 7.76 -7.64 -24.99
C SER A 570 7.79 -7.68 -24.97
N ILE A 571 6.76 -7.32 -24.18
CA ILE A 571 5.67 -8.26 -23.84
C ILE A 571 4.87 -8.59 -25.13
N SER A 572 4.51 -7.55 -25.88
CA SER A 572 3.71 -7.75 -27.10
C SER A 572 4.48 -8.58 -28.12
N MET A 573 5.81 -8.35 -28.17
CA MET A 573 6.68 -8.98 -29.16
C MET A 573 6.90 -10.49 -28.96
N LYS A 574 6.32 -11.05 -27.89
CA LYS A 574 6.24 -12.51 -27.72
C LYS A 574 5.19 -13.10 -28.68
N HIS A 575 4.42 -12.23 -29.32
CA HIS A 575 3.33 -12.62 -30.26
C HIS A 575 3.53 -11.99 -31.65
N PRO A 576 4.66 -12.32 -32.33
CA PRO A 576 4.93 -11.55 -33.55
C PRO A 576 3.92 -11.83 -34.67
N GLN A 577 3.44 -13.07 -34.77
CA GLN A 577 2.44 -13.39 -35.81
C GLN A 577 1.18 -12.54 -35.65
N GLU A 578 0.70 -12.40 -34.41
CA GLU A 578 -0.51 -11.61 -34.17
C GLU A 578 -0.29 -10.11 -34.40
N MET A 579 0.90 -9.62 -34.06
CA MET A 579 1.20 -8.20 -34.33
C MET A 579 1.19 -7.91 -35.84
N LYS A 580 1.71 -8.87 -36.64
CA LYS A 580 1.63 -8.76 -38.10
C LYS A 580 0.18 -8.77 -38.59
N THR A 581 -0.58 -9.82 -38.19
CA THR A 581 -1.97 -9.99 -38.62
C THR A 581 -2.87 -8.82 -38.31
N TYR A 582 -2.74 -8.28 -37.09
CA TYR A 582 -3.65 -7.23 -36.63
C TYR A 582 -3.03 -5.84 -36.73
N SER A 583 -1.84 -5.73 -37.33
CA SER A 583 -1.16 -4.44 -37.57
C SER A 583 -0.96 -3.67 -36.26
N VAL A 584 -0.39 -4.35 -35.27
CA VAL A 584 -0.25 -3.82 -33.92
C VAL A 584 1.08 -3.08 -33.90
N SER A 585 0.99 -1.76 -33.81
CA SER A 585 2.20 -0.93 -33.80
C SER A 585 2.35 -0.12 -32.50
N PHE A 586 3.56 -0.10 -31.98
CA PHE A 586 3.88 0.77 -30.80
C PHE A 586 4.48 2.10 -31.25
N ASP A 587 4.49 2.37 -32.56
CA ASP A 587 5.13 3.57 -33.10
C ASP A 587 4.59 4.85 -32.44
N SER A 588 3.29 4.95 -32.26
CA SER A 588 2.69 6.16 -31.65
C SER A 588 3.15 6.38 -30.20
N LEU A 589 3.33 5.30 -29.45
CA LEU A 589 3.73 5.42 -28.07
C LEU A 589 5.21 5.87 -28.01
N PHE A 590 6.08 5.26 -28.81
CA PHE A 590 7.48 5.67 -28.80
C PHE A 590 7.61 7.13 -29.26
N SER A 591 6.77 7.53 -30.23
CA SER A 591 6.74 8.90 -30.72
C SER A 591 6.35 9.89 -29.59
N ALA A 592 5.30 9.54 -28.88
CA ALA A 592 4.86 10.33 -27.74
C ALA A 592 5.97 10.42 -26.69
N VAL A 593 6.66 9.32 -26.39
CA VAL A 593 7.75 9.34 -25.37
C VAL A 593 8.93 10.22 -25.85
N LYS A 594 9.28 10.08 -27.14
CA LYS A 594 10.32 10.93 -27.75
C LYS A 594 9.95 12.42 -27.59
N ASN A 595 8.69 12.76 -27.89
CA ASN A 595 8.22 14.12 -27.78
C ASN A 595 8.26 14.65 -26.33
N PHE A 596 7.84 13.82 -25.38
CA PHE A 596 7.86 14.17 -23.98
C PHE A 596 9.30 14.47 -23.60
N THR A 597 10.24 13.62 -24.04
CA THR A 597 11.68 13.79 -23.72
C THR A 597 12.19 15.16 -24.22
N GLU A 598 11.86 15.48 -25.48
CA GLU A 598 12.27 16.73 -26.08
C GLU A 598 11.66 17.94 -25.40
N ILE A 599 10.36 17.89 -25.12
CA ILE A 599 9.62 18.98 -24.53
C ILE A 599 10.06 19.19 -23.07
N ALA A 600 10.24 18.09 -22.34
CA ALA A 600 10.78 18.15 -20.96
C ALA A 600 12.17 18.80 -20.94
N SER A 601 13.03 18.45 -21.88
CA SER A 601 14.36 19.10 -21.91
C SER A 601 14.25 20.60 -22.08
N LYS A 602 13.44 21.05 -23.01
CA LYS A 602 13.28 22.49 -23.30
C LYS A 602 12.64 23.22 -22.09
N PHE A 603 11.68 22.54 -21.44
CA PHE A 603 11.07 23.10 -20.24
C PHE A 603 12.10 23.31 -19.12
N SER A 604 12.98 22.33 -18.93
CA SER A 604 14.01 22.35 -17.89
C SER A 604 14.96 23.53 -18.15
N GLU A 605 15.30 23.78 -19.44
CA GLU A 605 16.10 24.95 -19.80
C GLU A 605 15.44 26.28 -19.39
N ARG A 606 14.17 26.46 -19.74
CA ARG A 606 13.35 27.61 -19.35
C ARG A 606 13.28 27.78 -17.85
N LEU A 607 13.21 26.67 -17.15
CA LEU A 607 13.09 26.68 -15.71
C LEU A 607 14.35 27.18 -15.06
N GLN A 608 15.48 26.81 -15.65
CA GLN A 608 16.70 27.34 -15.13
C GLN A 608 17.09 28.77 -15.70
N ASP A 609 16.59 29.13 -16.89
CA ASP A 609 16.90 30.43 -17.57
C ASP A 609 15.83 31.51 -17.41
N PHE A 610 14.69 31.20 -16.78
N PHE A 610 14.62 31.20 -16.95
CA PHE A 610 13.60 32.19 -16.67
CA PHE A 610 13.70 32.28 -16.59
C PHE A 610 13.93 33.35 -15.78
C PHE A 610 14.22 32.65 -15.26
N ASP A 611 13.29 34.45 -16.11
N ASP A 611 13.53 33.53 -14.55
CA ASP A 611 13.56 35.68 -15.33
CA ASP A 611 13.83 33.57 -13.14
C ASP A 611 13.07 35.36 -13.93
C ASP A 611 12.82 34.40 -12.31
N LYS A 612 14.00 35.23 -13.02
N LYS A 612 13.22 34.52 -10.98
CA LYS A 612 13.84 34.77 -11.64
CA LYS A 612 12.19 35.05 -10.18
C LYS A 612 13.20 35.86 -10.81
C LYS A 612 12.27 36.49 -9.71
N SER A 613 13.15 37.08 -11.34
N SER A 613 11.47 36.62 -8.68
CA SER A 613 12.38 38.13 -10.67
CA SER A 613 10.98 37.86 -8.22
C SER A 613 10.86 38.14 -10.91
C SER A 613 9.80 38.32 -8.97
N ASN A 614 10.40 37.28 -11.81
N ASN A 614 9.41 37.57 -10.02
CA ASN A 614 9.01 37.37 -12.24
CA ASN A 614 8.24 37.97 -10.73
C ASN A 614 8.20 36.26 -11.54
C ASN A 614 7.16 36.99 -10.27
N PRO A 615 7.37 36.63 -10.54
N PRO A 615 6.29 37.44 -9.35
CA PRO A 615 6.59 35.55 -9.83
CA PRO A 615 5.34 36.47 -8.75
C PRO A 615 5.53 34.84 -10.66
C PRO A 615 4.49 35.70 -9.75
N ILE A 616 5.00 35.55 -11.65
N ILE A 616 3.92 36.35 -10.74
CA ILE A 616 4.00 35.00 -12.54
CA ILE A 616 3.02 35.62 -11.65
C ILE A 616 4.64 33.97 -13.45
C ILE A 616 3.74 34.66 -12.56
N VAL A 617 5.78 34.26 -14.08
N VAL A 617 4.93 35.02 -13.00
CA VAL A 617 6.49 33.20 -14.83
CA VAL A 617 5.73 34.09 -13.80
C VAL A 617 6.86 32.06 -13.90
C VAL A 617 6.10 32.86 -12.97
N LEU A 618 7.30 32.35 -12.68
N LEU A 618 6.53 33.11 -11.73
CA LEU A 618 7.64 31.34 -11.69
CA LEU A 618 6.86 32.02 -10.84
C LEU A 618 6.40 30.43 -11.41
C LEU A 618 5.64 31.11 -10.67
N ARG A 619 5.26 31.00 -10.98
N ARG A 619 4.44 31.68 -10.56
CA ARG A 619 4.08 30.18 -10.58
CA ARG A 619 3.27 30.90 -10.41
C ARG A 619 3.57 29.63 -11.78
C ARG A 619 3.00 30.05 -11.61
N MET A 620 3.39 30.42 -12.85
CA MET A 620 3.09 29.69 -14.18
C MET A 620 4.00 28.49 -14.33
N MET A 621 5.30 28.53 -14.11
CA MET A 621 6.11 27.34 -14.26
C MET A 621 5.91 26.35 -13.09
N ASN A 622 5.65 26.83 -11.88
CA ASN A 622 5.25 25.93 -10.76
C ASN A 622 3.93 25.24 -11.03
N ASP A 623 2.95 25.96 -11.56
CA ASP A 623 1.74 25.21 -11.98
C ASP A 623 2.04 24.16 -13.02
N GLN A 624 2.87 24.40 -14.00
CA GLN A 624 3.22 23.34 -14.99
C GLN A 624 3.84 22.12 -14.32
N LEU A 625 4.70 22.34 -13.33
CA LEU A 625 5.31 21.30 -12.53
C LEU A 625 4.25 20.56 -11.72
N MET A 626 3.35 21.28 -11.06
CA MET A 626 2.27 20.65 -10.26
C MET A 626 1.28 19.84 -11.05
N PHE A 627 0.90 20.39 -12.18
CA PHE A 627 -0.11 19.68 -13.03
C PHE A 627 0.46 18.64 -13.95
N LEU A 628 1.74 18.35 -13.89
CA LEU A 628 2.36 17.35 -14.76
C LEU A 628 1.87 15.96 -14.35
N GLU A 629 1.93 15.63 -13.06
CA GLU A 629 1.41 14.34 -12.56
C GLU A 629 -0.03 14.36 -12.91
N ARG A 630 -0.74 15.46 -12.78
CA ARG A 630 -2.20 15.51 -13.03
C ARG A 630 -2.51 15.20 -14.46
N ALA A 631 -1.62 15.45 -15.40
CA ALA A 631 -1.88 15.28 -16.81
C ALA A 631 -1.97 13.75 -17.17
N PHE A 632 -1.42 12.87 -16.34
CA PHE A 632 -1.50 11.41 -16.65
C PHE A 632 -2.83 10.82 -16.27
N ILE A 633 -3.72 11.61 -15.70
CA ILE A 633 -5.08 11.14 -15.33
C ILE A 633 -5.97 11.10 -16.56
N ASP A 634 -6.66 9.95 -16.67
CA ASP A 634 -7.73 9.84 -17.68
C ASP A 634 -9.06 9.87 -16.93
N PRO A 635 -9.90 10.85 -17.21
CA PRO A 635 -11.18 10.89 -16.45
C PRO A 635 -12.07 9.69 -16.67
N LEU A 636 -11.84 8.92 -17.72
CA LEU A 636 -12.71 7.70 -17.95
C LEU A 636 -12.17 6.51 -17.18
N GLY A 637 -11.00 6.59 -16.56
CA GLY A 637 -10.40 5.53 -15.78
C GLY A 637 -9.98 4.33 -16.65
N LEU A 638 -9.45 3.29 -16.00
CA LEU A 638 -9.01 2.10 -16.70
C LEU A 638 -10.21 1.14 -16.83
N PRO A 639 -10.13 0.17 -17.75
CA PRO A 639 -11.30 -0.74 -17.97
C PRO A 639 -11.81 -1.41 -16.70
N ASP A 640 -13.09 -1.18 -16.41
CA ASP A 640 -13.74 -1.72 -15.21
C ASP A 640 -13.11 -1.31 -13.90
N ARG A 641 -12.21 -0.30 -13.90
CA ARG A 641 -11.60 0.21 -12.63
C ARG A 641 -11.65 1.74 -12.74
N PRO A 642 -12.81 2.33 -12.59
CA PRO A 642 -13.06 3.77 -12.81
C PRO A 642 -12.29 4.59 -11.83
N PHE A 643 -11.83 4.09 -10.68
CA PHE A 643 -11.01 4.95 -9.72
C PHE A 643 -9.51 4.77 -9.84
N TYR A 644 -9.07 4.02 -10.84
CA TYR A 644 -7.66 3.94 -11.25
C TYR A 644 -7.59 4.70 -12.53
N ARG A 645 -7.18 5.98 -12.44
CA ARG A 645 -7.30 6.89 -13.55
C ARG A 645 -5.92 7.27 -14.14
N HIS A 646 -4.85 6.93 -13.41
CA HIS A 646 -3.49 7.28 -13.89
C HIS A 646 -3.14 6.29 -15.01
N VAL A 647 -2.75 6.77 -16.17
CA VAL A 647 -2.48 5.92 -17.37
C VAL A 647 -1.14 5.22 -17.27
N ILE A 648 -0.18 5.84 -16.54
CA ILE A 648 1.13 5.22 -16.49
C ILE A 648 1.23 4.16 -15.39
N TYR A 649 0.57 4.40 -14.25
CA TYR A 649 0.73 3.56 -13.04
C TYR A 649 -0.62 3.12 -12.49
N ALA A 650 -0.83 1.81 -12.33
CA ALA A 650 -1.98 1.35 -11.52
C ALA A 650 -1.48 0.18 -10.66
N PRO A 651 -2.23 -0.15 -9.59
CA PRO A 651 -1.91 -1.39 -8.85
C PRO A 651 -2.13 -2.60 -9.82
N SER A 652 -1.23 -3.56 -9.77
CA SER A 652 -1.39 -4.80 -10.55
C SER A 652 -2.79 -5.40 -10.33
N SER A 653 -3.43 -5.77 -11.45
CA SER A 653 -4.72 -6.50 -11.37
C SER A 653 -4.57 -7.84 -10.66
N HIS A 654 -3.34 -8.29 -10.51
CA HIS A 654 -3.01 -9.61 -9.85
C HIS A 654 -2.45 -9.46 -8.46
N ASN A 655 -2.15 -8.21 -8.07
CA ASN A 655 -1.51 -8.04 -6.78
C ASN A 655 -1.55 -6.54 -6.46
N LYS A 656 -2.48 -6.12 -5.63
CA LYS A 656 -2.68 -4.70 -5.27
C LYS A 656 -1.40 -4.10 -4.76
N TYR A 657 -0.54 -4.89 -4.12
CA TYR A 657 0.69 -4.27 -3.57
C TYR A 657 1.68 -3.83 -4.62
N ALA A 658 1.64 -4.44 -5.80
CA ALA A 658 2.65 -4.18 -6.86
C ALA A 658 2.19 -3.07 -7.80
N GLY A 659 3.08 -2.13 -8.20
CA GLY A 659 2.73 -1.25 -9.29
C GLY A 659 2.88 -1.94 -10.65
N GLU A 660 2.00 -1.57 -11.58
CA GLU A 660 2.18 -1.94 -12.97
C GLU A 660 2.27 -0.71 -13.84
N SER A 661 3.19 -0.73 -14.79
CA SER A 661 3.34 0.39 -15.72
C SER A 661 2.57 0.13 -16.99
N PHE A 662 2.08 1.21 -17.61
CA PHE A 662 1.11 1.09 -18.77
C PHE A 662 0.07 -0.05 -18.50
N PRO A 663 -0.63 0.07 -17.39
CA PRO A 663 -1.53 -1.02 -16.95
C PRO A 663 -2.64 -1.35 -17.97
N GLY A 664 -3.17 -0.36 -18.68
CA GLY A 664 -4.21 -0.56 -19.70
C GLY A 664 -3.68 -1.51 -20.74
N ILE A 665 -2.47 -1.28 -21.24
CA ILE A 665 -1.88 -2.15 -22.29
C ILE A 665 -1.49 -3.50 -21.65
N TYR A 666 -0.89 -3.46 -20.46
CA TYR A 666 -0.46 -4.71 -19.82
C TYR A 666 -1.65 -5.68 -19.66
N ASP A 667 -2.75 -5.17 -19.13
CA ASP A 667 -3.92 -6.06 -18.87
C ASP A 667 -4.51 -6.51 -20.22
N ALA A 668 -4.51 -5.68 -21.25
CA ALA A 668 -4.99 -6.13 -22.59
C ALA A 668 -4.13 -7.27 -23.14
N LEU A 669 -2.83 -7.24 -22.85
CA LEU A 669 -1.92 -8.30 -23.33
C LEU A 669 -1.88 -9.56 -22.48
N PHE A 670 -2.27 -9.44 -21.22
CA PHE A 670 -2.12 -10.56 -20.26
C PHE A 670 -2.91 -11.82 -20.67
N ASP A 671 -2.20 -12.93 -20.81
CA ASP A 671 -2.83 -14.25 -21.19
C ASP A 671 -3.64 -14.11 -22.48
N ILE A 672 -3.19 -13.25 -23.40
CA ILE A 672 -3.95 -12.94 -24.60
C ILE A 672 -4.09 -14.20 -25.51
N GLU A 673 -3.10 -15.10 -25.46
CA GLU A 673 -3.12 -16.32 -26.28
C GLU A 673 -4.26 -17.28 -25.89
N SER A 674 -4.88 -17.07 -24.73
CA SER A 674 -6.03 -17.89 -24.31
C SER A 674 -7.41 -17.29 -24.71
N LYS A 675 -7.43 -16.05 -25.20
CA LYS A 675 -8.69 -15.40 -25.56
C LYS A 675 -9.29 -16.05 -26.80
N VAL A 676 -10.59 -16.29 -26.74
CA VAL A 676 -11.28 -17.01 -27.84
C VAL A 676 -11.42 -16.19 -29.13
N ASP A 677 -11.42 -14.86 -29.01
CA ASP A 677 -11.56 -13.98 -30.17
C ASP A 677 -10.30 -13.10 -30.29
N PRO A 678 -9.26 -13.58 -30.99
CA PRO A 678 -8.00 -12.82 -31.08
C PRO A 678 -8.14 -11.45 -31.75
N SER A 679 -9.00 -11.32 -32.75
CA SER A 679 -9.22 -10.03 -33.40
C SER A 679 -9.76 -8.97 -32.42
N LYS A 680 -10.73 -9.35 -31.58
CA LYS A 680 -11.25 -8.45 -30.54
C LYS A 680 -10.16 -8.16 -29.51
N ALA A 681 -9.38 -9.16 -29.11
CA ALA A 681 -8.42 -8.99 -28.02
C ALA A 681 -7.28 -8.09 -28.50
N TRP A 682 -6.76 -8.33 -29.71
CA TRP A 682 -5.70 -7.45 -30.25
C TRP A 682 -6.21 -6.06 -30.61
N GLY A 683 -7.48 -5.95 -30.97
CA GLY A 683 -8.10 -4.61 -31.17
C GLY A 683 -8.04 -3.83 -29.88
N GLU A 684 -8.24 -4.49 -28.75
CA GLU A 684 -8.27 -3.79 -27.45
C GLU A 684 -6.83 -3.42 -27.07
N VAL A 685 -5.85 -4.26 -27.40
CA VAL A 685 -4.44 -3.89 -27.23
C VAL A 685 -4.17 -2.58 -28.01
N LYS A 686 -4.61 -2.53 -29.27
CA LYS A 686 -4.39 -1.31 -30.08
C LYS A 686 -5.10 -0.09 -29.49
N ARG A 687 -6.28 -0.28 -28.92
CA ARG A 687 -7.00 0.80 -28.28
C ARG A 687 -6.19 1.34 -27.09
N GLN A 688 -5.63 0.45 -26.30
CA GLN A 688 -4.86 0.82 -25.12
C GLN A 688 -3.55 1.51 -25.54
N ILE A 689 -2.92 1.07 -26.62
CA ILE A 689 -1.75 1.79 -27.17
C ILE A 689 -2.10 3.27 -27.51
N TYR A 690 -3.18 3.47 -28.23
CA TYR A 690 -3.71 4.79 -28.56
C TYR A 690 -3.94 5.63 -27.33
N VAL A 691 -4.63 5.09 -26.33
CA VAL A 691 -4.93 5.84 -25.12
C VAL A 691 -3.61 6.21 -24.45
N ALA A 692 -2.66 5.32 -24.36
CA ALA A 692 -1.37 5.60 -23.70
C ALA A 692 -0.57 6.66 -24.48
N ALA A 693 -0.44 6.49 -25.79
CA ALA A 693 0.33 7.44 -26.63
C ALA A 693 -0.31 8.80 -26.52
N PHE A 694 -1.63 8.89 -26.60
CA PHE A 694 -2.29 10.18 -26.51
C PHE A 694 -2.06 10.83 -25.16
N THR A 695 -2.15 10.07 -24.08
CA THR A 695 -2.02 10.63 -22.72
C THR A 695 -0.58 11.13 -22.55
N VAL A 696 0.41 10.35 -22.99
CA VAL A 696 1.83 10.78 -22.89
C VAL A 696 2.05 12.10 -23.64
N GLN A 697 1.56 12.21 -24.87
CA GLN A 697 1.72 13.43 -25.67
C GLN A 697 0.97 14.57 -25.01
N ALA A 698 -0.20 14.33 -24.44
CA ALA A 698 -1.01 15.42 -23.84
C ALA A 698 -0.25 15.92 -22.61
N ALA A 699 0.34 15.02 -21.82
CA ALA A 699 1.13 15.35 -20.64
C ALA A 699 2.33 16.19 -21.13
N ALA A 700 3.04 15.73 -22.19
CA ALA A 700 4.17 16.49 -22.74
C ALA A 700 3.71 17.90 -23.08
N GLU A 701 2.56 18.06 -23.70
CA GLU A 701 2.17 19.38 -24.17
C GLU A 701 1.83 20.36 -23.05
N THR A 702 1.53 19.85 -21.84
CA THR A 702 1.38 20.75 -20.66
C THR A 702 2.69 21.47 -20.32
N LEU A 703 3.83 20.95 -20.76
CA LEU A 703 5.15 21.57 -20.50
C LEU A 703 5.62 22.47 -21.65
N SER A 704 4.91 22.52 -22.76
CA SER A 704 5.23 23.44 -23.87
C SER A 704 5.00 24.87 -23.39
N GLU A 705 5.60 25.83 -24.10
CA GLU A 705 5.16 27.21 -23.89
C GLU A 705 3.65 27.36 -23.95
N VAL A 706 3.12 28.13 -23.01
CA VAL A 706 1.65 28.13 -22.77
C VAL A 706 0.87 28.89 -23.84
N ALA A 707 1.56 29.71 -24.62
CA ALA A 707 0.97 30.58 -25.65
C ALA A 707 2.06 31.22 -26.49
#